data_1LXK
#
_entry.id   1LXK
#
_cell.length_a   83.736
_cell.length_b   103.817
_cell.length_c   101.347
_cell.angle_alpha   90.00
_cell.angle_beta   90.00
_cell.angle_gamma   90.00
#
_symmetry.space_group_name_H-M   'P 21 21 21'
#
loop_
_entity.id
_entity.type
_entity.pdbx_description
1 polymer 'Hyaluronate Lyase'
2 branched 'beta-D-glucopyranuronic acid-(1-3)-2-acetamido-2-deoxy-beta-D-glucopyranose-(1-4)-beta-D-glucopyranuronic acid-(1-3)-2-acetamido-2-deoxy-beta-D-glucopyranose'
3 water water
#
_entity_poly.entity_id   1
_entity_poly.type   'polypeptide(L)'
_entity_poly.pdbx_seq_one_letter_code
;VKDTYTDRLDDWNGIIAGNQYYDSKNDQMAKLNQELEGKVADSLSSISSQADRIYLWEKFSNYKTSANLTATYRKLEEMA
KQVTNPSSRYYQDETVVRTVRDSMEWMHKHVYNSEKSIVGNWWDYEIGTPRAINNTLSLMKEYFSDEEIKKYTDVIEKFV
PDPEHFRKTTDNPFKALGGNLVDMGRVKVIAGLLRKDDQEISSTIRSIEQVFKLVDQGEGFYQDGSYIDHTNVAYTGAFG
NVLIDGLSQLLPVIQKTKNPIDKDKMQTMYHWIDKSFAPLLVNGELMDMSRGRSISRANSEGHVAAVEVLRGIHRIADMS
EGETKQRLQSLVKTIVQSDSYYDVFKNLKTYKDISLMQSLLSDAGVASVPRTSYLSAFNKMDKTAMYNAEKGFGFGLSLF
SSRTLNYEHMNKENKRGWYTSDGMFYLYNGDLSHYSDGYWPTVNPYKMPGTTETDAKRADSDTGKVLPSAFVGTSKLDDA
NATATMDFTNWNQTLTAHKSWFMLKDKIAFLGSNIQNTSTDTAATTIDQRKLESSNPYKVYVNDKEASLTEQEKDYPETQ
SVFLESSDSKKNIGYFFFKKSSISMSKALQKGAWKDINEGQSDKEVENEFLTISQAHKQNGDSYGYMLIPNVDRATFNQM
IKELESSLIENNETLQSVYDAKQGVWGIVKYDDSVSTISNQFQVLKRGVYTIRKEGDEYKIAYYNPETQESAPDQEVFKK
L
;
_entity_poly.pdbx_strand_id   A
#
# COMPACT_ATOMS: atom_id res chain seq x y z
N LYS A 2 38.06 0.14 16.61
CA LYS A 2 39.01 0.80 15.66
C LYS A 2 38.88 2.32 15.71
N ASP A 3 37.99 2.87 14.88
CA ASP A 3 37.78 4.31 14.80
C ASP A 3 36.31 4.74 14.92
N THR A 4 36.03 5.99 14.54
CA THR A 4 34.68 6.53 14.60
C THR A 4 33.73 5.92 13.57
N TYR A 5 34.29 5.35 12.50
CA TYR A 5 33.49 4.71 11.48
C TYR A 5 32.94 3.42 12.04
N THR A 6 33.80 2.66 12.71
CA THR A 6 33.37 1.40 13.30
C THR A 6 32.34 1.70 14.38
N ASP A 7 32.43 2.90 14.95
CA ASP A 7 31.47 3.35 15.97
C ASP A 7 30.09 3.40 15.34
N ARG A 8 30.00 4.09 14.21
CA ARG A 8 28.74 4.22 13.51
C ARG A 8 28.34 2.84 12.98
N LEU A 9 29.33 2.08 12.51
CA LEU A 9 29.09 0.75 11.98
C LEU A 9 28.57 -0.16 13.08
N ASP A 10 28.89 0.18 14.33
CA ASP A 10 28.43 -0.59 15.49
C ASP A 10 26.96 -0.25 15.76
N ASP A 11 26.62 1.02 15.58
CA ASP A 11 25.27 1.50 15.78
C ASP A 11 24.37 0.86 14.71
N TRP A 12 24.89 0.79 13.49
CA TRP A 12 24.16 0.21 12.38
C TRP A 12 23.81 -1.23 12.71
N ASN A 13 24.79 -1.97 13.22
CA ASN A 13 24.59 -3.37 13.58
C ASN A 13 23.50 -3.50 14.63
N GLY A 14 23.40 -2.50 15.49
CA GLY A 14 22.39 -2.52 16.53
C GLY A 14 21.01 -2.33 15.92
N ILE A 15 20.97 -1.65 14.78
CA ILE A 15 19.73 -1.37 14.07
C ILE A 15 19.28 -2.49 13.13
N ILE A 16 20.21 -3.00 12.33
CA ILE A 16 19.89 -4.06 11.35
C ILE A 16 19.82 -5.48 11.87
N ALA A 17 20.38 -5.71 13.06
CA ALA A 17 20.39 -7.04 13.65
C ALA A 17 20.05 -6.92 15.14
N GLY A 18 20.81 -6.07 15.83
CA GLY A 18 20.58 -5.84 17.25
C GLY A 18 20.90 -7.01 18.16
N ASN A 19 22.05 -7.65 17.91
CA ASN A 19 22.47 -8.79 18.71
C ASN A 19 22.69 -8.37 20.17
N GLN A 20 23.08 -7.13 20.37
CA GLN A 20 23.33 -6.62 21.71
C GLN A 20 22.09 -6.61 22.60
N TYR A 21 20.89 -6.59 22.01
CA TYR A 21 19.67 -6.58 22.79
C TYR A 21 19.04 -7.96 22.92
N TYR A 22 19.66 -8.98 22.32
CA TYR A 22 19.08 -10.31 22.40
C TYR A 22 18.91 -10.80 23.83
N ASP A 23 17.87 -11.59 24.02
CA ASP A 23 17.55 -12.15 25.33
C ASP A 23 16.86 -13.48 25.08
N SER A 24 17.48 -14.57 25.51
CA SER A 24 16.90 -15.90 25.32
C SER A 24 15.62 -16.14 26.12
N LYS A 25 15.43 -15.38 27.19
CA LYS A 25 14.24 -15.54 28.01
C LYS A 25 13.11 -14.67 27.46
N ASN A 26 13.36 -14.10 26.29
CA ASN A 26 12.39 -13.24 25.61
C ASN A 26 11.74 -14.04 24.49
N ASP A 27 10.50 -14.43 24.71
CA ASP A 27 9.73 -15.22 23.76
C ASP A 27 9.84 -14.77 22.29
N GLN A 28 9.47 -13.53 22.01
CA GLN A 28 9.51 -13.01 20.63
C GLN A 28 10.91 -12.99 20.04
N MET A 29 11.90 -12.61 20.84
CA MET A 29 13.28 -12.56 20.37
C MET A 29 13.79 -13.96 20.02
N ALA A 30 13.56 -14.89 20.94
CA ALA A 30 14.00 -16.27 20.75
C ALA A 30 13.36 -16.89 19.51
N LYS A 31 12.15 -16.46 19.17
CA LYS A 31 11.43 -16.97 18.01
C LYS A 31 12.14 -16.56 16.71
N LEU A 32 12.59 -15.31 16.67
CA LEU A 32 13.29 -14.77 15.50
C LEU A 32 14.70 -15.39 15.42
N ASN A 33 15.30 -15.60 16.59
CA ASN A 33 16.63 -16.21 16.62
C ASN A 33 16.48 -17.62 16.05
N GLN A 34 15.46 -18.32 16.50
CA GLN A 34 15.21 -19.68 16.03
C GLN A 34 15.08 -19.64 14.51
N GLU A 35 14.42 -18.62 13.99
CA GLU A 35 14.23 -18.50 12.56
C GLU A 35 15.54 -18.33 11.81
N LEU A 36 16.43 -17.49 12.33
CA LEU A 36 17.72 -17.27 11.68
C LEU A 36 18.62 -18.50 11.81
N GLU A 37 18.49 -19.24 12.91
CA GLU A 37 19.32 -20.43 13.12
C GLU A 37 19.00 -21.45 12.03
N GLY A 38 17.70 -21.65 11.80
CA GLY A 38 17.26 -22.60 10.79
C GLY A 38 17.65 -22.14 9.41
N LYS A 39 17.69 -20.83 9.20
CA LYS A 39 18.06 -20.29 7.91
C LYS A 39 19.50 -20.62 7.56
N VAL A 40 20.44 -20.22 8.42
CA VAL A 40 21.84 -20.49 8.12
C VAL A 40 22.15 -21.99 8.17
N ALA A 41 21.30 -22.75 8.87
CA ALA A 41 21.48 -24.20 8.94
C ALA A 41 21.18 -24.76 7.56
N ASP A 42 20.08 -24.29 6.98
CA ASP A 42 19.67 -24.73 5.66
C ASP A 42 20.72 -24.29 4.64
N SER A 43 21.20 -23.05 4.80
CA SER A 43 22.20 -22.49 3.90
C SER A 43 23.51 -23.27 3.94
N LEU A 44 23.97 -23.57 5.16
CA LEU A 44 25.22 -24.29 5.34
C LEU A 44 25.12 -25.75 4.87
N SER A 45 24.03 -26.41 5.20
CA SER A 45 23.84 -27.80 4.82
C SER A 45 23.62 -27.97 3.32
N SER A 46 23.44 -26.86 2.60
CA SER A 46 23.20 -26.93 1.16
C SER A 46 24.22 -26.20 0.31
N ILE A 47 25.07 -25.38 0.91
CA ILE A 47 26.06 -24.67 0.14
C ILE A 47 26.91 -25.72 -0.57
N SER A 48 27.51 -25.35 -1.70
CA SER A 48 28.37 -26.28 -2.45
C SER A 48 29.80 -26.19 -1.92
N SER A 49 30.38 -27.35 -1.60
CA SER A 49 31.74 -27.41 -1.05
C SER A 49 32.66 -28.30 -1.87
N GLN A 50 32.37 -28.42 -3.16
CA GLN A 50 33.17 -29.24 -4.06
C GLN A 50 34.37 -28.47 -4.58
N ALA A 51 35.44 -29.19 -4.89
CA ALA A 51 36.65 -28.58 -5.41
C ALA A 51 36.26 -27.98 -6.76
N ASP A 52 36.15 -26.65 -6.79
CA ASP A 52 35.75 -25.92 -8.00
C ASP A 52 34.24 -26.04 -8.16
N ARG A 53 33.53 -24.93 -8.01
CA ARG A 53 32.07 -24.94 -8.12
C ARG A 53 31.52 -23.93 -9.13
N ILE A 54 30.28 -24.19 -9.56
CA ILE A 54 29.57 -23.35 -10.53
C ILE A 54 28.69 -22.33 -9.80
N TYR A 55 28.18 -22.73 -8.64
CA TYR A 55 27.31 -21.89 -7.84
C TYR A 55 27.55 -22.14 -6.37
N LEU A 56 27.24 -21.14 -5.55
CA LEU A 56 27.38 -21.28 -4.10
C LEU A 56 26.19 -22.13 -3.67
N TRP A 57 25.02 -21.71 -4.12
CA TRP A 57 23.80 -22.42 -3.80
C TRP A 57 23.09 -22.72 -5.10
N GLU A 58 22.69 -23.98 -5.26
CA GLU A 58 22.02 -24.44 -6.45
C GLU A 58 20.72 -23.69 -6.75
N LYS A 59 19.91 -23.44 -5.73
CA LYS A 59 18.66 -22.73 -5.92
C LYS A 59 18.87 -21.34 -6.54
N PHE A 60 20.07 -20.80 -6.40
CA PHE A 60 20.43 -19.49 -6.95
C PHE A 60 21.72 -19.58 -7.74
N SER A 61 21.71 -20.45 -8.75
CA SER A 61 22.90 -20.68 -9.58
C SER A 61 22.89 -19.85 -10.86
N ASN A 62 21.73 -19.72 -11.49
CA ASN A 62 21.58 -18.95 -12.71
C ASN A 62 21.98 -17.50 -12.46
N TYR A 63 23.28 -17.24 -12.35
CA TYR A 63 23.80 -15.90 -12.08
C TYR A 63 23.54 -14.84 -13.15
N LYS A 64 22.73 -15.21 -14.15
CA LYS A 64 22.35 -14.32 -15.23
C LYS A 64 21.12 -13.57 -14.72
N THR A 65 20.48 -14.15 -13.72
CA THR A 65 19.29 -13.59 -13.08
C THR A 65 19.78 -12.76 -11.88
N SER A 66 19.86 -11.44 -12.07
CA SER A 66 20.34 -10.53 -11.03
C SER A 66 19.87 -10.93 -9.64
N ALA A 67 18.63 -11.37 -9.53
CA ALA A 67 18.05 -11.76 -8.26
C ALA A 67 18.88 -12.79 -7.47
N ASN A 68 19.63 -13.62 -8.19
CA ASN A 68 20.47 -14.64 -7.56
C ASN A 68 21.69 -14.08 -6.86
N LEU A 69 22.09 -12.87 -7.21
CA LEU A 69 23.24 -12.25 -6.54
C LEU A 69 22.78 -11.79 -5.17
N THR A 70 21.66 -11.08 -5.15
CA THR A 70 21.06 -10.55 -3.93
C THR A 70 20.65 -11.66 -2.97
N ALA A 71 20.07 -12.72 -3.50
CA ALA A 71 19.63 -13.85 -2.67
C ALA A 71 20.82 -14.58 -2.08
N THR A 72 21.91 -14.66 -2.85
CA THR A 72 23.11 -15.34 -2.40
C THR A 72 23.79 -14.53 -1.31
N TYR A 73 23.89 -13.23 -1.51
CA TYR A 73 24.54 -12.36 -0.54
C TYR A 73 23.70 -12.20 0.73
N ARG A 74 22.38 -12.26 0.60
CA ARG A 74 21.49 -12.14 1.75
C ARG A 74 21.69 -13.34 2.67
N LYS A 75 22.12 -14.46 2.09
CA LYS A 75 22.37 -15.67 2.87
C LYS A 75 23.61 -15.50 3.75
N LEU A 76 24.59 -14.78 3.22
CA LEU A 76 25.83 -14.52 3.96
C LEU A 76 25.57 -13.48 5.05
N GLU A 77 24.56 -12.63 4.85
CA GLU A 77 24.20 -11.62 5.85
C GLU A 77 23.54 -12.34 7.01
N GLU A 78 22.79 -13.39 6.71
CA GLU A 78 22.12 -14.18 7.75
C GLU A 78 23.17 -14.93 8.57
N MET A 79 24.21 -15.43 7.91
CA MET A 79 25.29 -16.14 8.59
C MET A 79 26.06 -15.16 9.47
N ALA A 80 26.24 -13.95 8.95
CA ALA A 80 26.96 -12.90 9.65
C ALA A 80 26.20 -12.46 10.90
N LYS A 81 24.88 -12.55 10.84
CA LYS A 81 24.05 -12.17 11.97
C LYS A 81 24.19 -13.21 13.09
N GLN A 82 24.13 -14.48 12.73
CA GLN A 82 24.23 -15.55 13.71
C GLN A 82 25.64 -15.73 14.27
N VAL A 83 26.64 -15.57 13.43
CA VAL A 83 28.04 -15.72 13.86
C VAL A 83 28.46 -14.70 14.89
N THR A 84 27.74 -13.57 14.96
CA THR A 84 28.06 -12.52 15.94
C THR A 84 27.01 -12.47 17.05
N ASN A 85 26.19 -13.50 17.16
CA ASN A 85 25.15 -13.58 18.20
C ASN A 85 25.58 -14.62 19.24
N PRO A 86 26.01 -14.16 20.42
CA PRO A 86 26.45 -15.04 21.51
C PRO A 86 25.52 -16.21 21.83
N SER A 87 24.24 -16.05 21.53
CA SER A 87 23.25 -17.08 21.81
C SER A 87 23.04 -18.03 20.64
N SER A 88 23.69 -17.76 19.52
CA SER A 88 23.55 -18.62 18.35
C SER A 88 24.51 -19.80 18.43
N ARG A 89 24.08 -20.92 17.87
CA ARG A 89 24.92 -22.11 17.87
C ARG A 89 26.07 -21.88 16.90
N TYR A 90 25.95 -20.84 16.09
CA TYR A 90 26.98 -20.51 15.11
C TYR A 90 27.84 -19.37 15.57
N TYR A 91 27.70 -19.00 16.84
CA TYR A 91 28.50 -17.92 17.39
C TYR A 91 29.98 -18.25 17.26
N GLN A 92 30.73 -17.39 16.56
CA GLN A 92 32.16 -17.57 16.36
C GLN A 92 32.53 -18.94 15.79
N ASP A 93 31.60 -19.57 15.08
CA ASP A 93 31.83 -20.88 14.47
C ASP A 93 32.88 -20.74 13.36
N GLU A 94 33.98 -21.46 13.49
CA GLU A 94 35.07 -21.41 12.52
C GLU A 94 34.59 -21.73 11.11
N THR A 95 33.69 -22.69 11.00
CA THR A 95 33.15 -23.08 9.71
C THR A 95 32.31 -21.94 9.14
N VAL A 96 31.43 -21.37 9.95
CA VAL A 96 30.59 -20.28 9.49
C VAL A 96 31.42 -19.04 9.14
N VAL A 97 32.44 -18.74 9.93
CA VAL A 97 33.30 -17.58 9.65
C VAL A 97 34.00 -17.77 8.30
N ARG A 98 34.55 -18.97 8.09
CA ARG A 98 35.26 -19.29 6.86
C ARG A 98 34.37 -19.29 5.63
N THR A 99 33.18 -19.87 5.71
CA THR A 99 32.31 -19.91 4.55
C THR A 99 31.87 -18.50 4.12
N VAL A 100 31.70 -17.60 5.08
CA VAL A 100 31.30 -16.23 4.73
C VAL A 100 32.46 -15.57 4.00
N ARG A 101 33.63 -15.59 4.62
CA ARG A 101 34.82 -15.00 4.02
C ARG A 101 35.04 -15.63 2.65
N ASP A 102 34.94 -16.96 2.62
CA ASP A 102 35.12 -17.70 1.38
C ASP A 102 34.11 -17.25 0.35
N SER A 103 32.83 -17.43 0.68
CA SER A 103 31.76 -17.06 -0.23
C SER A 103 31.90 -15.64 -0.78
N MET A 104 32.36 -14.72 0.05
CA MET A 104 32.54 -13.35 -0.41
C MET A 104 33.56 -13.37 -1.53
N GLU A 105 34.66 -14.08 -1.31
CA GLU A 105 35.73 -14.19 -2.29
C GLU A 105 35.30 -14.87 -3.60
N TRP A 106 34.61 -16.00 -3.48
CA TRP A 106 34.17 -16.71 -4.67
C TRP A 106 33.17 -15.86 -5.46
N MET A 107 32.17 -15.32 -4.78
CA MET A 107 31.17 -14.48 -5.43
C MET A 107 31.89 -13.31 -6.10
N HIS A 108 32.87 -12.76 -5.39
CA HIS A 108 33.64 -11.64 -5.90
C HIS A 108 34.47 -12.04 -7.10
N LYS A 109 35.06 -13.23 -7.02
CA LYS A 109 35.90 -13.72 -8.09
C LYS A 109 35.14 -14.04 -9.37
N HIS A 110 34.10 -14.87 -9.28
CA HIS A 110 33.35 -15.27 -10.46
C HIS A 110 32.02 -14.59 -10.77
N VAL A 111 31.49 -13.79 -9.85
CA VAL A 111 30.19 -13.19 -10.14
C VAL A 111 29.98 -11.68 -10.02
N TYR A 112 30.39 -11.08 -8.91
CA TYR A 112 30.15 -9.65 -8.69
C TYR A 112 31.41 -8.85 -8.39
N ASN A 113 31.93 -8.17 -9.40
CA ASN A 113 33.14 -7.35 -9.25
C ASN A 113 33.06 -6.14 -10.15
N SER A 114 33.86 -5.12 -9.87
CA SER A 114 33.85 -3.88 -10.67
C SER A 114 33.99 -4.14 -12.17
N GLU A 115 34.74 -5.17 -12.52
CA GLU A 115 34.95 -5.49 -13.92
C GLU A 115 33.74 -6.11 -14.61
N LYS A 116 32.62 -6.19 -13.89
CA LYS A 116 31.43 -6.78 -14.48
C LYS A 116 30.41 -5.69 -14.84
N SER A 117 29.34 -6.10 -15.52
CA SER A 117 28.31 -5.15 -15.94
C SER A 117 26.92 -5.67 -15.61
N ILE A 118 26.00 -4.74 -15.33
CA ILE A 118 24.63 -5.12 -15.00
C ILE A 118 24.07 -6.09 -16.03
N VAL A 119 23.44 -7.15 -15.56
CA VAL A 119 22.81 -8.14 -16.43
C VAL A 119 21.59 -8.64 -15.69
N GLY A 120 20.44 -8.14 -16.09
CA GLY A 120 19.18 -8.47 -15.45
C GLY A 120 18.71 -7.15 -14.83
N ASN A 121 18.15 -7.21 -13.64
CA ASN A 121 17.68 -5.99 -12.98
C ASN A 121 18.85 -5.18 -12.40
N TRP A 122 18.89 -3.89 -12.73
CA TRP A 122 19.92 -2.99 -12.24
C TRP A 122 19.81 -2.93 -10.71
N TRP A 123 18.57 -3.02 -10.24
CA TRP A 123 18.24 -2.94 -8.82
C TRP A 123 19.14 -3.81 -7.93
N ASP A 124 19.38 -5.04 -8.37
CA ASP A 124 20.22 -5.95 -7.61
C ASP A 124 21.68 -5.51 -7.62
N TYR A 125 22.12 -4.95 -8.75
CA TYR A 125 23.50 -4.51 -8.90
C TYR A 125 23.85 -3.27 -8.10
N GLU A 126 22.85 -2.43 -7.84
CA GLU A 126 23.11 -1.19 -7.13
C GLU A 126 22.42 -1.04 -5.77
N ILE A 127 21.38 -1.83 -5.54
CA ILE A 127 20.68 -1.73 -4.26
C ILE A 127 20.61 -3.04 -3.47
N GLY A 128 19.95 -4.03 -4.05
CA GLY A 128 19.82 -5.33 -3.40
C GLY A 128 21.13 -5.90 -2.87
N THR A 129 22.04 -6.21 -3.78
CA THR A 129 23.33 -6.79 -3.40
C THR A 129 24.23 -5.88 -2.57
N PRO A 130 24.43 -4.63 -3.00
CA PRO A 130 25.30 -3.76 -2.20
C PRO A 130 24.86 -3.65 -0.74
N ARG A 131 23.55 -3.62 -0.50
CA ARG A 131 23.05 -3.52 0.86
C ARG A 131 23.44 -4.77 1.66
N ALA A 132 23.23 -5.94 1.06
CA ALA A 132 23.55 -7.20 1.71
C ALA A 132 25.05 -7.31 2.02
N ILE A 133 25.89 -6.79 1.12
CA ILE A 133 27.34 -6.82 1.30
C ILE A 133 27.77 -5.89 2.43
N ASN A 134 27.25 -4.67 2.42
CA ASN A 134 27.56 -3.69 3.44
C ASN A 134 27.23 -4.26 4.81
N ASN A 135 26.00 -4.76 4.94
CA ASN A 135 25.52 -5.34 6.19
C ASN A 135 26.37 -6.51 6.65
N THR A 136 26.75 -7.37 5.71
CA THR A 136 27.57 -8.53 6.03
C THR A 136 28.96 -8.11 6.52
N LEU A 137 29.55 -7.14 5.82
CA LEU A 137 30.87 -6.65 6.19
C LEU A 137 30.79 -5.86 7.49
N SER A 138 29.68 -5.15 7.70
CA SER A 138 29.51 -4.36 8.91
C SER A 138 29.39 -5.27 10.12
N LEU A 139 28.56 -6.29 10.00
CA LEU A 139 28.36 -7.22 11.11
C LEU A 139 29.64 -7.96 11.46
N MET A 140 30.37 -8.42 10.44
CA MET A 140 31.60 -9.19 10.63
C MET A 140 32.89 -8.41 10.38
N LYS A 141 32.86 -7.10 10.62
CA LYS A 141 34.04 -6.28 10.39
C LYS A 141 35.21 -6.73 11.24
N GLU A 142 34.93 -7.41 12.34
CA GLU A 142 35.98 -7.89 13.23
C GLU A 142 36.65 -9.14 12.69
N TYR A 143 36.20 -9.61 11.53
CA TYR A 143 36.76 -10.80 10.91
C TYR A 143 37.36 -10.48 9.54
N PHE A 144 37.16 -9.25 9.09
CA PHE A 144 37.69 -8.83 7.80
C PHE A 144 38.72 -7.72 7.97
N SER A 145 39.71 -7.73 7.08
CA SER A 145 40.77 -6.73 7.12
C SER A 145 40.22 -5.49 6.43
N ASP A 146 40.65 -4.32 6.87
CA ASP A 146 40.17 -3.10 6.25
C ASP A 146 40.42 -3.15 4.74
N GLU A 147 41.49 -3.83 4.35
CA GLU A 147 41.83 -3.96 2.94
C GLU A 147 40.82 -4.88 2.24
N GLU A 148 40.42 -5.95 2.91
CA GLU A 148 39.47 -6.88 2.31
C GLU A 148 38.11 -6.19 2.17
N ILE A 149 37.77 -5.36 3.15
CA ILE A 149 36.50 -4.64 3.13
C ILE A 149 36.45 -3.75 1.89
N LYS A 150 37.49 -2.94 1.70
CA LYS A 150 37.59 -2.04 0.55
C LYS A 150 37.44 -2.89 -0.70
N LYS A 151 38.23 -3.95 -0.76
CA LYS A 151 38.23 -4.87 -1.88
C LYS A 151 36.83 -5.34 -2.26
N TYR A 152 36.05 -5.73 -1.25
CA TYR A 152 34.70 -6.24 -1.47
C TYR A 152 33.63 -5.19 -1.75
N THR A 153 33.88 -3.95 -1.36
CA THR A 153 32.90 -2.89 -1.60
C THR A 153 33.28 -2.09 -2.85
N ASP A 154 34.41 -2.46 -3.45
CA ASP A 154 34.87 -1.79 -4.66
C ASP A 154 33.80 -1.87 -5.75
N VAL A 155 33.29 -3.07 -5.99
CA VAL A 155 32.26 -3.28 -7.00
C VAL A 155 31.05 -2.39 -6.76
N ILE A 156 30.78 -2.05 -5.50
CA ILE A 156 29.65 -1.20 -5.15
C ILE A 156 29.91 0.21 -5.66
N GLU A 157 31.16 0.65 -5.55
CA GLU A 157 31.54 1.97 -6.01
C GLU A 157 31.50 2.06 -7.54
N LYS A 158 31.74 0.94 -8.21
CA LYS A 158 31.72 0.93 -9.67
C LYS A 158 30.29 1.09 -10.19
N PHE A 159 29.35 0.37 -9.57
CA PHE A 159 27.96 0.42 -9.99
C PHE A 159 27.21 1.62 -9.45
N VAL A 160 27.51 2.04 -8.22
CA VAL A 160 26.83 3.19 -7.63
C VAL A 160 27.80 4.29 -7.21
N PRO A 161 28.43 4.95 -8.19
CA PRO A 161 29.39 6.04 -7.95
C PRO A 161 28.74 7.36 -7.54
N ASP A 162 27.59 7.65 -8.13
CA ASP A 162 26.87 8.88 -7.89
C ASP A 162 25.76 8.67 -6.86
N PRO A 163 25.80 9.40 -5.74
CA PRO A 163 24.78 9.26 -4.71
C PRO A 163 23.47 9.91 -5.14
N GLU A 164 23.51 10.61 -6.27
CA GLU A 164 22.32 11.30 -6.77
C GLU A 164 21.65 10.60 -7.95
N HIS A 165 22.33 9.63 -8.54
CA HIS A 165 21.78 8.90 -9.69
C HIS A 165 22.02 7.40 -9.60
N PHE A 166 21.05 6.62 -10.09
CA PHE A 166 21.18 5.16 -10.11
C PHE A 166 21.36 4.79 -11.58
N ARG A 167 21.82 3.57 -11.83
CA ARG A 167 22.04 3.11 -13.20
C ARG A 167 23.03 4.03 -13.91
N LYS A 168 24.09 4.42 -13.20
CA LYS A 168 25.12 5.31 -13.74
C LYS A 168 25.98 4.62 -14.78
N THR A 169 26.14 3.31 -14.68
CA THR A 169 26.94 2.56 -15.64
C THR A 169 26.15 2.27 -16.92
N THR A 170 24.86 2.62 -16.91
CA THR A 170 24.01 2.39 -18.08
C THR A 170 23.97 3.63 -18.99
N ASP A 171 23.19 3.56 -20.05
CA ASP A 171 23.08 4.67 -21.00
C ASP A 171 22.02 5.68 -20.55
N ASN A 172 21.27 5.32 -19.51
CA ASN A 172 20.23 6.20 -18.99
C ASN A 172 20.06 6.13 -17.48
N PRO A 173 20.93 6.84 -16.74
CA PRO A 173 20.83 6.84 -15.28
C PRO A 173 19.68 7.76 -14.86
N PHE A 174 18.98 7.44 -13.77
CA PHE A 174 17.88 8.29 -13.32
C PHE A 174 18.21 8.91 -11.97
N LYS A 175 17.58 10.03 -11.66
CA LYS A 175 17.82 10.70 -10.38
C LYS A 175 17.13 9.94 -9.25
N ALA A 176 17.88 9.66 -8.18
CA ALA A 176 17.34 8.95 -7.04
C ALA A 176 16.42 9.86 -6.23
N LEU A 177 15.19 9.41 -6.02
CA LEU A 177 14.20 10.14 -5.26
C LEU A 177 13.42 9.14 -4.41
N GLY A 178 12.66 9.66 -3.45
CA GLY A 178 11.86 8.82 -2.58
C GLY A 178 12.56 7.59 -2.03
N GLY A 179 11.90 6.44 -2.14
CA GLY A 179 12.45 5.19 -1.66
C GLY A 179 13.84 4.92 -2.17
N ASN A 180 14.04 5.07 -3.48
CA ASN A 180 15.34 4.83 -4.12
C ASN A 180 16.44 5.69 -3.51
N LEU A 181 16.12 6.95 -3.24
CA LEU A 181 17.08 7.85 -2.64
C LEU A 181 17.48 7.31 -1.28
N VAL A 182 16.51 6.78 -0.54
CA VAL A 182 16.80 6.22 0.80
C VAL A 182 17.70 4.99 0.71
N ASP A 183 17.44 4.11 -0.26
CA ASP A 183 18.26 2.92 -0.41
C ASP A 183 19.65 3.36 -0.84
N MET A 184 19.72 4.47 -1.57
CA MET A 184 21.01 5.01 -2.02
C MET A 184 21.84 5.34 -0.78
N GLY A 185 21.16 5.69 0.31
CA GLY A 185 21.85 5.99 1.54
C GLY A 185 22.28 4.72 2.26
N ARG A 186 21.41 3.70 2.24
CA ARG A 186 21.73 2.45 2.90
C ARG A 186 22.81 1.74 2.12
N VAL A 187 23.09 2.26 0.94
CA VAL A 187 24.12 1.70 0.07
C VAL A 187 25.42 2.48 0.24
N LYS A 188 25.38 3.76 -0.11
CA LYS A 188 26.57 4.60 -0.03
C LYS A 188 26.97 5.13 1.35
N VAL A 189 26.02 5.33 2.26
CA VAL A 189 26.40 5.82 3.58
C VAL A 189 27.11 4.69 4.35
N ILE A 190 26.55 3.49 4.29
CA ILE A 190 27.16 2.34 4.97
C ILE A 190 28.47 1.98 4.30
N ALA A 191 28.44 1.82 2.97
CA ALA A 191 29.64 1.50 2.22
C ALA A 191 30.67 2.58 2.50
N GLY A 192 30.20 3.82 2.61
CA GLY A 192 31.10 4.91 2.90
C GLY A 192 31.73 4.69 4.26
N LEU A 193 30.94 4.21 5.21
CA LEU A 193 31.42 3.94 6.56
C LEU A 193 32.43 2.80 6.56
N LEU A 194 32.11 1.75 5.81
CA LEU A 194 32.98 0.58 5.71
C LEU A 194 34.33 0.95 5.10
N ARG A 195 34.31 1.86 4.13
CA ARG A 195 35.53 2.29 3.43
C ARG A 195 36.23 3.46 4.12
N LYS A 196 35.63 3.96 5.20
CA LYS A 196 36.19 5.09 5.93
C LYS A 196 36.34 6.29 4.99
N ASP A 197 35.46 6.34 3.97
CA ASP A 197 35.45 7.40 2.98
C ASP A 197 34.54 8.54 3.43
N ASP A 198 35.13 9.69 3.73
CA ASP A 198 34.36 10.82 4.20
C ASP A 198 33.57 11.58 3.17
N GLN A 199 34.16 11.79 1.99
CA GLN A 199 33.45 12.51 0.95
C GLN A 199 32.17 11.77 0.60
N GLU A 200 32.26 10.44 0.52
CA GLU A 200 31.12 9.59 0.19
C GLU A 200 30.00 9.79 1.20
N ILE A 201 30.36 9.82 2.47
CA ILE A 201 29.37 10.01 3.51
C ILE A 201 28.66 11.35 3.37
N SER A 202 29.41 12.44 3.40
CA SER A 202 28.87 13.79 3.28
C SER A 202 27.99 14.01 2.06
N SER A 203 28.46 13.59 0.89
CA SER A 203 27.69 13.78 -0.34
C SER A 203 26.44 12.91 -0.44
N THR A 204 26.46 11.74 0.18
CA THR A 204 25.29 10.87 0.15
C THR A 204 24.25 11.46 1.09
N ILE A 205 24.67 11.88 2.27
CA ILE A 205 23.74 12.49 3.22
C ILE A 205 23.13 13.72 2.60
N ARG A 206 23.97 14.57 2.01
CA ARG A 206 23.50 15.78 1.36
C ARG A 206 22.48 15.39 0.31
N SER A 207 22.81 14.35 -0.46
CA SER A 207 21.92 13.84 -1.48
C SER A 207 20.63 13.29 -0.87
N ILE A 208 20.74 12.66 0.31
CA ILE A 208 19.58 12.09 0.98
C ILE A 208 18.63 13.16 1.49
N GLU A 209 19.20 14.29 1.91
CA GLU A 209 18.40 15.39 2.44
C GLU A 209 17.27 15.84 1.51
N GLN A 210 17.38 15.53 0.22
CA GLN A 210 16.35 15.91 -0.76
C GLN A 210 15.02 15.19 -0.54
N VAL A 211 15.07 14.04 0.11
CA VAL A 211 13.86 13.26 0.36
C VAL A 211 12.86 14.00 1.26
N PHE A 212 13.37 14.94 2.05
CA PHE A 212 12.52 15.69 2.97
C PHE A 212 11.77 16.83 2.29
N LYS A 213 11.81 16.87 0.97
CA LYS A 213 11.12 17.92 0.25
C LYS A 213 9.76 17.48 -0.26
N LEU A 214 8.73 18.25 0.06
CA LEU A 214 7.39 17.95 -0.42
C LEU A 214 7.38 18.50 -1.85
N VAL A 215 6.68 17.80 -2.76
CA VAL A 215 6.62 18.22 -4.16
C VAL A 215 5.21 18.60 -4.59
N ASP A 216 5.09 19.29 -5.72
CA ASP A 216 3.77 19.64 -6.24
C ASP A 216 3.66 19.08 -7.65
N GLN A 217 4.61 18.22 -8.01
CA GLN A 217 4.64 17.57 -9.31
C GLN A 217 5.73 16.49 -9.31
N GLY A 218 5.54 15.45 -10.11
CA GLY A 218 6.52 14.38 -10.16
C GLY A 218 6.42 13.42 -9.00
N GLU A 219 7.49 12.67 -8.76
CA GLU A 219 7.51 11.70 -7.68
C GLU A 219 7.79 12.36 -6.34
N GLY A 220 7.18 11.81 -5.29
CA GLY A 220 7.38 12.34 -3.94
C GLY A 220 6.10 12.51 -3.15
N PHE A 221 6.24 13.10 -1.96
CA PHE A 221 5.10 13.35 -1.08
C PHE A 221 4.49 14.69 -1.44
N TYR A 222 3.17 14.77 -1.39
CA TYR A 222 2.49 16.00 -1.73
C TYR A 222 1.87 16.62 -0.49
N GLN A 223 1.50 17.89 -0.59
CA GLN A 223 0.87 18.61 0.51
C GLN A 223 -0.37 17.89 0.99
N ASP A 224 -1.16 17.36 0.06
CA ASP A 224 -2.39 16.67 0.43
C ASP A 224 -2.18 15.24 0.96
N GLY A 225 -0.92 14.83 1.08
CA GLY A 225 -0.62 13.51 1.60
C GLY A 225 -0.33 12.44 0.57
N SER A 226 -0.61 12.73 -0.70
CA SER A 226 -0.36 11.77 -1.75
C SER A 226 1.15 11.52 -1.88
N TYR A 227 1.48 10.35 -2.39
CA TYR A 227 2.87 9.99 -2.62
C TYR A 227 2.86 9.31 -3.96
N ILE A 228 3.58 9.89 -4.91
CA ILE A 228 3.66 9.37 -6.26
C ILE A 228 5.04 8.80 -6.52
N ASP A 229 5.11 7.70 -7.25
CA ASP A 229 6.39 7.12 -7.62
C ASP A 229 6.28 6.47 -8.98
N HIS A 230 7.43 6.12 -9.54
CA HIS A 230 7.48 5.53 -10.87
C HIS A 230 6.68 6.40 -11.83
N THR A 231 7.09 7.67 -11.87
CA THR A 231 6.51 8.70 -12.71
C THR A 231 5.14 9.21 -12.30
N ASN A 232 4.13 8.34 -12.32
CA ASN A 232 2.77 8.77 -11.99
C ASN A 232 1.90 7.72 -11.30
N VAL A 233 2.52 6.88 -10.46
CA VAL A 233 1.78 5.83 -9.77
C VAL A 233 1.62 6.08 -8.26
N ALA A 234 0.39 5.97 -7.77
CA ALA A 234 0.12 6.13 -6.34
C ALA A 234 0.92 5.02 -5.68
N TYR A 235 1.91 5.39 -4.86
CA TYR A 235 2.76 4.36 -4.27
C TYR A 235 3.14 4.55 -2.80
N THR A 236 2.28 5.20 -2.03
CA THR A 236 2.56 5.41 -0.61
C THR A 236 2.81 4.08 0.10
N GLY A 237 2.03 3.06 -0.27
CA GLY A 237 2.11 1.74 0.35
C GLY A 237 3.18 0.71 -0.02
N ALA A 238 4.13 1.06 -0.89
CA ALA A 238 5.18 0.12 -1.24
C ALA A 238 6.50 0.88 -1.22
N PHE A 239 6.59 1.91 -2.06
CA PHE A 239 7.79 2.73 -2.10
C PHE A 239 7.81 3.66 -0.89
N GLY A 240 6.64 4.07 -0.46
CA GLY A 240 6.57 4.92 0.72
C GLY A 240 7.12 4.10 1.88
N ASN A 241 6.78 2.81 1.89
CA ASN A 241 7.22 1.91 2.94
C ASN A 241 8.73 1.91 2.98
N VAL A 242 9.34 1.53 1.87
CA VAL A 242 10.80 1.46 1.77
C VAL A 242 11.39 2.78 2.24
N LEU A 243 10.78 3.88 1.82
CA LEU A 243 11.28 5.21 2.21
C LEU A 243 11.35 5.35 3.74
N ILE A 244 10.21 5.21 4.42
CA ILE A 244 10.16 5.35 5.87
C ILE A 244 10.91 4.26 6.63
N ASP A 245 10.87 3.05 6.09
CA ASP A 245 11.55 1.92 6.70
C ASP A 245 13.06 2.16 6.71
N GLY A 246 13.61 2.39 5.53
CA GLY A 246 15.04 2.61 5.41
C GLY A 246 15.55 3.88 6.05
N LEU A 247 14.84 4.99 5.85
CA LEU A 247 15.28 6.23 6.43
C LEU A 247 15.36 6.15 7.95
N SER A 248 14.36 5.51 8.55
CA SER A 248 14.32 5.38 10.01
C SER A 248 15.48 4.54 10.55
N GLN A 249 16.01 3.63 9.74
CA GLN A 249 17.15 2.81 10.16
C GLN A 249 18.42 3.65 10.08
N LEU A 250 18.50 4.43 9.01
CA LEU A 250 19.65 5.28 8.71
C LEU A 250 19.83 6.52 9.58
N LEU A 251 18.76 7.27 9.78
CA LEU A 251 18.83 8.52 10.54
C LEU A 251 19.64 8.49 11.83
N PRO A 252 19.40 7.50 12.69
CA PRO A 252 20.17 7.48 13.94
C PRO A 252 21.68 7.48 13.65
N VAL A 253 22.08 6.73 12.64
CA VAL A 253 23.48 6.66 12.27
C VAL A 253 23.93 7.99 11.66
N ILE A 254 23.22 8.44 10.63
CA ILE A 254 23.55 9.70 9.96
C ILE A 254 23.72 10.85 10.94
N GLN A 255 22.84 10.90 11.93
CA GLN A 255 22.88 11.97 12.92
C GLN A 255 24.11 11.98 13.81
N LYS A 256 24.83 10.87 13.89
CA LYS A 256 26.02 10.81 14.73
C LYS A 256 27.29 10.99 13.92
N THR A 257 27.15 11.46 12.69
CA THR A 257 28.29 11.70 11.82
C THR A 257 28.59 13.18 11.80
N LYS A 258 29.63 13.56 11.08
CA LYS A 258 30.01 14.96 10.97
C LYS A 258 29.10 15.73 10.03
N ASN A 259 28.07 15.06 9.53
CA ASN A 259 27.11 15.68 8.62
C ASN A 259 25.69 15.34 9.03
N PRO A 260 25.31 15.68 10.28
CA PRO A 260 23.95 15.38 10.73
C PRO A 260 22.95 16.19 9.92
N ILE A 261 21.73 15.68 9.78
CA ILE A 261 20.70 16.39 9.03
C ILE A 261 19.97 17.36 9.96
N ASP A 262 19.89 18.63 9.56
CA ASP A 262 19.23 19.66 10.35
C ASP A 262 17.86 19.21 10.82
N LYS A 263 17.51 19.52 12.07
CA LYS A 263 16.22 19.10 12.64
C LYS A 263 15.02 19.69 11.91
N ASP A 264 15.08 20.98 11.63
CA ASP A 264 14.01 21.67 10.92
C ASP A 264 13.78 21.00 9.56
N LYS A 265 14.84 20.43 9.01
CA LYS A 265 14.78 19.75 7.72
C LYS A 265 14.05 18.41 7.77
N MET A 266 14.13 17.73 8.90
CA MET A 266 13.50 16.42 9.07
C MET A 266 12.07 16.52 9.59
N GLN A 267 11.70 17.69 10.10
CA GLN A 267 10.37 17.88 10.65
C GLN A 267 9.26 17.45 9.68
N THR A 268 9.58 17.40 8.40
CA THR A 268 8.61 17.01 7.37
C THR A 268 8.19 15.54 7.47
N MET A 269 8.99 14.72 8.15
CA MET A 269 8.69 13.30 8.33
C MET A 269 7.34 13.10 9.01
N TYR A 270 7.02 13.99 9.95
CA TYR A 270 5.76 13.89 10.67
C TYR A 270 4.59 14.21 9.76
N HIS A 271 4.87 14.95 8.68
CA HIS A 271 3.83 15.28 7.73
C HIS A 271 3.48 13.99 7.00
N TRP A 272 4.50 13.26 6.56
CA TRP A 272 4.27 11.99 5.86
C TRP A 272 3.45 11.07 6.75
N ILE A 273 3.87 10.91 8.01
CA ILE A 273 3.20 10.03 8.95
C ILE A 273 1.72 10.36 9.15
N ASP A 274 1.44 11.62 9.46
CA ASP A 274 0.07 12.06 9.70
C ASP A 274 -0.83 12.19 8.47
N LYS A 275 -0.31 12.78 7.40
CA LYS A 275 -1.11 12.99 6.19
C LYS A 275 -1.07 11.87 5.14
N SER A 276 0.07 11.19 5.02
CA SER A 276 0.22 10.14 4.01
C SER A 276 -0.02 8.70 4.47
N PHE A 277 0.67 8.31 5.55
CA PHE A 277 0.61 6.94 6.05
C PHE A 277 -0.57 6.60 6.94
N ALA A 278 -0.76 7.39 7.99
CA ALA A 278 -1.81 7.15 8.96
C ALA A 278 -3.17 6.84 8.38
N PRO A 279 -3.64 7.66 7.42
CA PRO A 279 -4.97 7.40 6.84
C PRO A 279 -5.10 6.07 6.10
N LEU A 280 -3.97 5.53 5.61
CA LEU A 280 -4.02 4.30 4.87
C LEU A 280 -3.98 3.06 5.76
N LEU A 281 -3.91 3.26 7.07
CA LEU A 281 -3.87 2.13 8.00
C LEU A 281 -5.20 1.91 8.71
N VAL A 282 -5.81 0.74 8.48
CA VAL A 282 -7.08 0.41 9.10
C VAL A 282 -7.01 -0.94 9.80
N ASN A 283 -7.17 -0.92 11.12
CA ASN A 283 -7.12 -2.13 11.93
C ASN A 283 -5.85 -2.92 11.63
N GLY A 284 -4.74 -2.20 11.50
CA GLY A 284 -3.47 -2.84 11.23
C GLY A 284 -3.19 -3.22 9.79
N GLU A 285 -4.11 -2.86 8.90
CA GLU A 285 -3.98 -3.17 7.48
C GLU A 285 -3.59 -1.95 6.63
N LEU A 286 -2.65 -2.14 5.71
CA LEU A 286 -2.21 -1.07 4.82
C LEU A 286 -2.99 -1.20 3.51
N MET A 287 -3.90 -0.26 3.26
CA MET A 287 -4.75 -0.26 2.06
C MET A 287 -4.02 -0.64 0.80
N ASP A 288 -4.48 -1.71 0.16
CA ASP A 288 -3.89 -2.24 -1.06
C ASP A 288 -3.84 -1.27 -2.24
N MET A 289 -4.78 -0.33 -2.29
CA MET A 289 -4.84 0.62 -3.39
C MET A 289 -3.62 1.52 -3.46
N SER A 290 -2.77 1.48 -2.44
CA SER A 290 -1.57 2.30 -2.38
C SER A 290 -0.30 1.49 -2.49
N ARG A 291 -0.42 0.18 -2.66
CA ARG A 291 0.74 -0.69 -2.71
C ARG A 291 1.20 -1.13 -4.10
N GLY A 292 0.59 -0.57 -5.14
CA GLY A 292 0.98 -0.90 -6.49
C GLY A 292 1.05 -2.40 -6.76
N ARG A 293 2.14 -2.85 -7.36
CA ARG A 293 2.31 -4.26 -7.71
C ARG A 293 2.67 -5.20 -6.55
N SER A 294 2.94 -4.62 -5.38
CA SER A 294 3.27 -5.41 -4.19
C SER A 294 2.13 -6.32 -3.77
N ILE A 295 0.91 -5.95 -4.16
CA ILE A 295 -0.26 -6.72 -3.79
C ILE A 295 -0.22 -8.13 -4.35
N SER A 296 0.60 -8.35 -5.37
CA SER A 296 0.70 -9.67 -5.98
C SER A 296 1.75 -10.53 -5.31
N ARG A 297 2.32 -10.04 -4.21
CA ARG A 297 3.33 -10.80 -3.47
C ARG A 297 2.66 -11.50 -2.29
N ALA A 298 2.75 -12.83 -2.26
CA ALA A 298 2.12 -13.62 -1.21
C ALA A 298 2.58 -13.31 0.20
N ASN A 299 3.84 -12.91 0.35
CA ASN A 299 4.42 -12.61 1.66
C ASN A 299 4.25 -11.15 2.10
N SER A 300 3.50 -10.36 1.32
CA SER A 300 3.30 -8.95 1.65
C SER A 300 1.84 -8.53 1.58
N GLU A 301 0.96 -9.27 2.22
CA GLU A 301 -0.43 -8.89 2.22
C GLU A 301 -0.56 -7.66 3.13
N GLY A 302 -1.65 -6.92 2.96
CA GLY A 302 -1.88 -5.69 3.73
C GLY A 302 -1.38 -5.53 5.16
N HIS A 303 -1.70 -6.50 6.02
CA HIS A 303 -1.30 -6.43 7.42
C HIS A 303 0.22 -6.56 7.57
N VAL A 304 0.82 -7.35 6.69
CA VAL A 304 2.26 -7.54 6.72
C VAL A 304 2.91 -6.25 6.23
N ALA A 305 2.44 -5.72 5.10
CA ALA A 305 3.01 -4.49 4.56
C ALA A 305 2.88 -3.37 5.58
N ALA A 306 1.78 -3.36 6.32
CA ALA A 306 1.54 -2.34 7.33
C ALA A 306 2.63 -2.28 8.41
N VAL A 307 3.18 -3.44 8.80
CA VAL A 307 4.21 -3.45 9.83
C VAL A 307 5.51 -2.79 9.35
N GLU A 308 5.73 -2.79 8.04
CA GLU A 308 6.92 -2.16 7.45
C GLU A 308 6.88 -0.69 7.81
N VAL A 309 5.70 -0.11 7.66
CA VAL A 309 5.46 1.28 7.95
C VAL A 309 5.49 1.53 9.46
N LEU A 310 4.73 0.72 10.19
CA LEU A 310 4.67 0.86 11.64
C LEU A 310 6.05 0.80 12.32
N ARG A 311 6.91 -0.13 11.91
CA ARG A 311 8.23 -0.26 12.52
C ARG A 311 9.06 0.97 12.20
N GLY A 312 8.79 1.57 11.04
CA GLY A 312 9.51 2.76 10.67
C GLY A 312 9.03 3.93 11.53
N ILE A 313 7.71 4.04 11.68
CA ILE A 313 7.13 5.10 12.48
C ILE A 313 7.61 5.02 13.93
N HIS A 314 7.67 3.79 14.44
CA HIS A 314 8.12 3.57 15.82
C HIS A 314 9.56 3.98 16.02
N ARG A 315 10.41 3.64 15.06
CA ARG A 315 11.82 4.01 15.14
C ARG A 315 11.91 5.52 15.20
N ILE A 316 11.07 6.20 14.42
CA ILE A 316 11.06 7.66 14.38
C ILE A 316 10.58 8.23 15.71
N ALA A 317 9.56 7.62 16.30
CA ALA A 317 9.04 8.08 17.59
C ALA A 317 10.16 7.95 18.63
N ASP A 318 10.89 6.84 18.57
CA ASP A 318 11.99 6.56 19.49
C ASP A 318 13.10 7.59 19.32
N MET A 319 13.25 8.08 18.09
CA MET A 319 14.26 9.07 17.76
C MET A 319 13.83 10.47 18.21
N SER A 320 12.53 10.64 18.41
CA SER A 320 11.97 11.92 18.83
C SER A 320 11.95 12.01 20.35
N GLU A 321 11.22 12.99 20.85
CA GLU A 321 11.07 13.19 22.29
C GLU A 321 9.89 14.10 22.54
N GLY A 322 9.46 14.16 23.78
CA GLY A 322 8.34 15.02 24.11
C GLY A 322 7.01 14.48 23.61
N GLU A 323 6.07 15.40 23.38
CA GLU A 323 4.75 15.02 22.91
C GLU A 323 4.86 14.25 21.59
N THR A 324 5.72 14.71 20.70
CA THR A 324 5.91 14.07 19.40
C THR A 324 6.20 12.58 19.58
N LYS A 325 7.13 12.26 20.46
CA LYS A 325 7.46 10.87 20.71
C LYS A 325 6.22 10.18 21.24
N GLN A 326 5.61 10.81 22.25
CA GLN A 326 4.41 10.28 22.88
C GLN A 326 3.25 10.05 21.93
N ARG A 327 2.93 11.05 21.12
CA ARG A 327 1.82 10.92 20.18
C ARG A 327 2.08 9.84 19.12
N LEU A 328 3.31 9.77 18.64
CA LEU A 328 3.67 8.77 17.64
C LEU A 328 3.56 7.38 18.26
N GLN A 329 4.01 7.28 19.51
CA GLN A 329 3.94 6.00 20.23
C GLN A 329 2.48 5.55 20.34
N SER A 330 1.62 6.49 20.71
CA SER A 330 0.18 6.22 20.86
C SER A 330 -0.40 5.81 19.52
N LEU A 331 0.08 6.44 18.46
CA LEU A 331 -0.39 6.11 17.12
C LEU A 331 -0.03 4.68 16.78
N VAL A 332 1.23 4.31 16.97
CA VAL A 332 1.65 2.95 16.67
C VAL A 332 0.93 1.97 17.58
N LYS A 333 0.93 2.27 18.88
CA LYS A 333 0.28 1.38 19.84
C LYS A 333 -1.18 1.06 19.54
N THR A 334 -1.99 2.09 19.31
CA THR A 334 -3.39 1.88 19.03
C THR A 334 -3.66 1.13 17.73
N ILE A 335 -2.85 1.37 16.71
CA ILE A 335 -3.03 0.68 15.43
C ILE A 335 -2.75 -0.81 15.64
N VAL A 336 -1.59 -1.11 16.20
CA VAL A 336 -1.21 -2.50 16.45
C VAL A 336 -2.21 -3.22 17.33
N GLN A 337 -2.69 -2.56 18.37
CA GLN A 337 -3.64 -3.17 19.28
C GLN A 337 -5.02 -3.35 18.66
N SER A 338 -5.28 -2.63 17.57
CA SER A 338 -6.57 -2.75 16.89
C SER A 338 -6.55 -3.92 15.91
N ASP A 339 -5.37 -4.50 15.72
CA ASP A 339 -5.21 -5.63 14.81
C ASP A 339 -5.33 -6.99 15.52
N SER A 340 -6.49 -7.61 15.39
CA SER A 340 -6.76 -8.89 16.02
C SER A 340 -6.44 -10.05 15.09
N TYR A 341 -6.12 -9.73 13.85
CA TYR A 341 -5.83 -10.75 12.87
C TYR A 341 -4.34 -11.04 12.70
N TYR A 342 -3.53 -9.99 12.54
CA TYR A 342 -2.10 -10.17 12.35
C TYR A 342 -1.25 -9.89 13.59
N ASP A 343 -0.29 -10.78 13.83
CA ASP A 343 0.63 -10.65 14.95
C ASP A 343 1.80 -9.78 14.49
N VAL A 344 1.79 -8.52 14.91
CA VAL A 344 2.82 -7.57 14.53
C VAL A 344 4.26 -8.10 14.60
N PHE A 345 4.54 -9.00 15.52
CA PHE A 345 5.89 -9.55 15.67
C PHE A 345 6.34 -10.43 14.51
N LYS A 346 5.39 -10.88 13.70
CA LYS A 346 5.72 -11.71 12.55
C LYS A 346 6.51 -10.90 11.52
N ASN A 347 6.53 -9.57 11.69
CA ASN A 347 7.29 -8.75 10.76
C ASN A 347 8.18 -7.69 11.41
N LEU A 348 8.71 -8.02 12.58
CA LEU A 348 9.65 -7.16 13.28
C LEU A 348 10.88 -8.07 13.21
N LYS A 349 11.73 -7.80 12.21
CA LYS A 349 12.91 -8.64 11.95
C LYS A 349 14.27 -8.32 12.58
N THR A 350 14.28 -7.62 13.71
CA THR A 350 15.52 -7.32 14.40
C THR A 350 15.16 -7.25 15.89
N TYR A 351 16.13 -7.49 16.77
CA TYR A 351 15.85 -7.47 18.22
C TYR A 351 15.46 -6.11 18.75
N LYS A 352 16.07 -5.05 18.25
CA LYS A 352 15.73 -3.71 18.72
C LYS A 352 14.28 -3.41 18.37
N ASP A 353 13.84 -3.80 17.17
CA ASP A 353 12.47 -3.56 16.72
C ASP A 353 11.50 -4.34 17.58
N ILE A 354 11.85 -5.58 17.90
CA ILE A 354 11.01 -6.41 18.74
C ILE A 354 10.94 -5.78 20.11
N SER A 355 12.10 -5.42 20.65
CA SER A 355 12.21 -4.79 21.95
C SER A 355 11.39 -3.51 22.07
N LEU A 356 11.59 -2.58 21.14
CA LEU A 356 10.87 -1.31 21.13
C LEU A 356 9.35 -1.54 21.20
N MET A 357 8.86 -2.46 20.37
CA MET A 357 7.43 -2.79 20.31
C MET A 357 6.90 -3.35 21.63
N GLN A 358 7.70 -4.20 22.26
CA GLN A 358 7.31 -4.81 23.53
C GLN A 358 7.15 -3.77 24.64
N SER A 359 8.09 -2.85 24.75
CA SER A 359 8.00 -1.82 25.78
C SER A 359 6.85 -0.87 25.50
N LEU A 360 6.56 -0.62 24.23
CA LEU A 360 5.46 0.26 23.84
C LEU A 360 4.11 -0.32 24.22
N LEU A 361 3.92 -1.59 23.88
CA LEU A 361 2.66 -2.27 24.17
C LEU A 361 2.40 -2.41 25.68
N SER A 362 3.45 -2.56 26.46
CA SER A 362 3.29 -2.72 27.91
C SER A 362 3.47 -1.45 28.73
N ASP A 363 3.83 -0.35 28.09
CA ASP A 363 4.01 0.91 28.81
C ASP A 363 2.63 1.52 29.02
N ALA A 364 2.19 1.53 30.28
CA ALA A 364 0.88 2.08 30.63
C ALA A 364 0.86 3.60 30.49
N GLY A 365 2.04 4.19 30.35
CA GLY A 365 2.15 5.63 30.19
C GLY A 365 1.81 6.08 28.78
N VAL A 366 1.74 5.13 27.86
CA VAL A 366 1.41 5.44 26.47
C VAL A 366 -0.07 5.11 26.21
N ALA A 367 -0.85 6.14 25.90
CA ALA A 367 -2.26 5.97 25.65
C ALA A 367 -2.51 5.22 24.36
N SER A 368 -3.47 4.31 24.42
CA SER A 368 -3.86 3.53 23.26
C SER A 368 -5.36 3.72 23.20
N VAL A 369 -5.77 4.77 22.50
CA VAL A 369 -7.19 5.09 22.35
C VAL A 369 -7.57 4.92 20.87
N PRO A 370 -8.73 4.29 20.60
CA PRO A 370 -9.18 4.07 19.22
C PRO A 370 -9.09 5.32 18.36
N ARG A 371 -8.58 5.17 17.14
CA ARG A 371 -8.45 6.28 16.21
C ARG A 371 -9.79 6.92 15.94
N THR A 372 -9.79 8.23 15.77
CA THR A 372 -11.04 8.94 15.50
C THR A 372 -11.37 8.88 13.99
N SER A 373 -12.58 9.32 13.64
CA SER A 373 -13.03 9.32 12.25
C SER A 373 -12.19 10.29 11.41
N TYR A 374 -12.05 9.98 10.12
CA TYR A 374 -11.28 10.82 9.22
C TYR A 374 -11.57 10.51 7.76
N LEU A 375 -11.31 11.49 6.90
CA LEU A 375 -11.51 11.33 5.47
C LEU A 375 -10.40 12.07 4.76
N SER A 376 -9.55 11.33 4.05
CA SER A 376 -8.45 11.91 3.32
C SER A 376 -8.72 11.89 1.81
N ALA A 377 -8.66 13.06 1.20
CA ALA A 377 -8.86 13.20 -0.22
C ALA A 377 -7.47 13.36 -0.85
N PHE A 378 -6.83 12.23 -1.20
CA PHE A 378 -5.50 12.25 -1.82
C PHE A 378 -5.68 12.56 -3.30
N ASN A 379 -6.06 13.79 -3.59
CA ASN A 379 -6.31 14.20 -4.96
C ASN A 379 -5.09 14.13 -5.87
N LYS A 380 -3.91 14.31 -5.31
CA LYS A 380 -2.71 14.28 -6.11
C LYS A 380 -2.31 12.89 -6.59
N MET A 381 -3.05 11.87 -6.16
CA MET A 381 -2.79 10.51 -6.60
C MET A 381 -4.10 9.75 -6.88
N ASP A 382 -5.19 10.52 -6.98
CA ASP A 382 -6.52 10.00 -7.27
C ASP A 382 -7.03 8.86 -6.40
N LYS A 383 -6.82 8.97 -5.09
CA LYS A 383 -7.31 7.97 -4.15
C LYS A 383 -8.00 8.67 -2.98
N THR A 384 -8.91 7.98 -2.32
CA THR A 384 -9.61 8.55 -1.18
C THR A 384 -9.75 7.47 -0.10
N ALA A 385 -9.41 7.84 1.13
CA ALA A 385 -9.50 6.91 2.24
C ALA A 385 -10.45 7.48 3.29
N MET A 386 -11.46 6.68 3.66
CA MET A 386 -12.45 7.09 4.65
C MET A 386 -12.52 6.14 5.84
N TYR A 387 -12.69 6.69 7.04
CA TYR A 387 -12.79 5.87 8.25
C TYR A 387 -13.80 6.41 9.25
N ASN A 388 -14.74 5.54 9.67
CA ASN A 388 -15.78 5.87 10.63
C ASN A 388 -15.46 5.17 11.95
N ALA A 389 -15.09 5.94 12.97
CA ALA A 389 -14.74 5.37 14.27
C ALA A 389 -15.98 4.93 15.04
N GLU A 390 -17.11 5.57 14.76
CA GLU A 390 -18.35 5.24 15.45
C GLU A 390 -18.90 3.87 15.06
N LYS A 391 -18.94 3.58 13.76
CA LYS A 391 -19.45 2.30 13.27
C LYS A 391 -18.33 1.27 13.05
N GLY A 392 -17.08 1.76 12.98
CA GLY A 392 -15.94 0.90 12.81
C GLY A 392 -15.66 0.28 11.45
N PHE A 393 -15.72 1.06 10.39
CA PHE A 393 -15.44 0.54 9.06
C PHE A 393 -14.63 1.54 8.25
N GLY A 394 -13.85 1.01 7.32
CA GLY A 394 -13.04 1.86 6.46
C GLY A 394 -13.52 1.71 5.03
N PHE A 395 -13.25 2.73 4.21
CA PHE A 395 -13.66 2.75 2.81
C PHE A 395 -12.52 3.34 1.97
N GLY A 396 -12.16 2.65 0.90
CA GLY A 396 -11.11 3.13 0.02
C GLY A 396 -11.63 3.27 -1.40
N LEU A 397 -11.36 4.40 -2.02
CA LEU A 397 -11.80 4.64 -3.39
C LEU A 397 -10.56 4.73 -4.26
N SER A 398 -10.42 3.76 -5.16
CA SER A 398 -9.27 3.67 -6.06
C SER A 398 -9.62 4.10 -7.47
N LEU A 399 -9.05 5.23 -7.87
CA LEU A 399 -9.29 5.79 -9.20
C LEU A 399 -7.95 6.14 -9.86
N PHE A 400 -8.03 6.75 -11.03
CA PHE A 400 -6.87 7.23 -11.77
C PHE A 400 -7.40 8.22 -12.79
N SER A 401 -6.51 9.01 -13.35
CA SER A 401 -6.93 10.03 -14.30
C SER A 401 -5.86 10.22 -15.36
N SER A 402 -5.87 11.40 -15.99
CA SER A 402 -4.89 11.73 -17.01
C SER A 402 -3.54 12.01 -16.32
N ARG A 403 -3.58 12.16 -15.00
CA ARG A 403 -2.38 12.45 -14.22
C ARG A 403 -1.76 11.21 -13.59
N THR A 404 -2.46 10.09 -13.61
CA THR A 404 -1.95 8.87 -12.99
C THR A 404 -2.21 7.60 -13.77
N LEU A 405 -1.36 6.60 -13.56
CA LEU A 405 -1.48 5.30 -14.21
C LEU A 405 -2.49 4.45 -13.44
N ASN A 406 -3.32 3.66 -14.14
CA ASN A 406 -4.33 2.85 -13.46
C ASN A 406 -3.74 1.71 -12.61
N TYR A 407 -2.84 0.91 -13.18
CA TYR A 407 -2.22 -0.19 -12.42
C TYR A 407 -0.80 -0.45 -12.90
N GLU A 408 0.05 -0.98 -12.02
CA GLU A 408 1.43 -1.25 -12.43
C GLU A 408 1.73 -2.74 -12.55
N HIS A 409 2.15 -3.13 -13.75
CA HIS A 409 2.53 -4.50 -14.03
C HIS A 409 3.97 -4.34 -14.51
N MET A 410 4.91 -4.65 -13.63
CA MET A 410 6.34 -4.53 -13.95
C MET A 410 7.04 -5.75 -13.40
N ASN A 411 8.11 -6.17 -14.09
CA ASN A 411 8.89 -7.33 -13.67
C ASN A 411 8.06 -8.58 -13.47
N LYS A 412 7.00 -8.72 -14.27
CA LYS A 412 6.13 -9.89 -14.20
C LYS A 412 5.23 -9.96 -12.96
N GLU A 413 5.09 -8.83 -12.26
CA GLU A 413 4.27 -8.74 -11.06
C GLU A 413 2.97 -7.98 -11.33
N ASN A 414 1.88 -8.46 -10.72
CA ASN A 414 0.55 -7.85 -10.88
C ASN A 414 0.06 -7.94 -12.32
N LYS A 415 0.10 -9.15 -12.87
CA LYS A 415 -0.34 -9.40 -14.24
C LYS A 415 -1.81 -9.12 -14.50
N ARG A 416 -2.65 -9.23 -13.46
CA ARG A 416 -4.09 -9.00 -13.65
C ARG A 416 -4.72 -7.90 -12.81
N GLY A 417 -4.00 -6.78 -12.64
CA GLY A 417 -4.56 -5.69 -11.87
C GLY A 417 -5.25 -4.69 -12.77
N TRP A 418 -5.53 -5.11 -14.00
CA TRP A 418 -6.19 -4.27 -15.02
C TRP A 418 -7.21 -3.25 -14.53
N TYR A 419 -8.13 -3.69 -13.68
CA TYR A 419 -9.21 -2.82 -13.22
C TYR A 419 -9.22 -2.41 -11.76
N THR A 420 -8.08 -2.51 -11.08
CA THR A 420 -8.00 -2.16 -9.67
C THR A 420 -8.10 -0.65 -9.40
N SER A 421 -8.17 0.15 -10.46
CA SER A 421 -8.27 1.60 -10.30
C SER A 421 -9.41 2.16 -11.15
N ASP A 422 -10.24 1.27 -11.69
CA ASP A 422 -11.35 1.70 -12.54
C ASP A 422 -12.57 2.01 -11.71
N GLY A 423 -12.36 2.74 -10.62
CA GLY A 423 -13.47 3.07 -9.75
C GLY A 423 -13.68 1.90 -8.80
N MET A 424 -12.59 1.23 -8.46
CA MET A 424 -12.66 0.10 -7.54
C MET A 424 -12.80 0.63 -6.12
N PHE A 425 -13.60 -0.04 -5.29
CA PHE A 425 -13.78 0.39 -3.90
C PHE A 425 -13.38 -0.73 -2.93
N TYR A 426 -13.00 -0.32 -1.73
CA TYR A 426 -12.59 -1.26 -0.68
C TYR A 426 -13.45 -1.01 0.56
N LEU A 427 -13.85 -2.09 1.23
CA LEU A 427 -14.62 -1.99 2.47
C LEU A 427 -13.83 -2.73 3.52
N TYR A 428 -13.49 -2.04 4.59
CA TYR A 428 -12.73 -2.63 5.69
C TYR A 428 -13.66 -2.74 6.89
N ASN A 429 -14.04 -3.96 7.24
CA ASN A 429 -14.93 -4.16 8.37
C ASN A 429 -14.39 -5.20 9.37
N GLY A 430 -15.30 -5.83 10.12
CA GLY A 430 -14.92 -6.81 11.10
C GLY A 430 -14.02 -7.93 10.63
N ASP A 431 -14.07 -8.26 9.34
CA ASP A 431 -13.23 -9.31 8.75
C ASP A 431 -11.88 -8.72 8.31
N LEU A 432 -10.96 -8.58 9.25
CA LEU A 432 -9.64 -8.01 8.98
C LEU A 432 -8.83 -8.77 7.94
N SER A 433 -9.19 -10.04 7.72
CA SER A 433 -8.46 -10.87 6.77
C SER A 433 -9.04 -10.86 5.35
N HIS A 434 -10.09 -10.07 5.13
CA HIS A 434 -10.73 -10.02 3.82
C HIS A 434 -9.76 -10.02 2.65
N TYR A 435 -8.94 -8.97 2.56
CA TYR A 435 -7.99 -8.83 1.46
C TYR A 435 -6.72 -9.65 1.62
N SER A 436 -6.71 -10.53 2.62
CA SER A 436 -5.57 -11.41 2.90
C SER A 436 -5.97 -12.85 2.61
N ASP A 437 -5.13 -13.80 3.04
CA ASP A 437 -5.39 -15.23 2.85
C ASP A 437 -5.65 -15.63 1.40
N GLY A 438 -4.86 -15.06 0.49
CA GLY A 438 -5.00 -15.40 -0.91
C GLY A 438 -6.14 -14.71 -1.64
N TYR A 439 -6.49 -13.51 -1.23
CA TYR A 439 -7.56 -12.79 -1.91
C TYR A 439 -7.14 -12.43 -3.34
N TRP A 440 -5.95 -11.86 -3.48
CA TRP A 440 -5.47 -11.42 -4.77
C TRP A 440 -5.33 -12.47 -5.87
N PRO A 441 -4.88 -13.69 -5.54
CA PRO A 441 -4.75 -14.73 -6.56
C PRO A 441 -6.04 -15.53 -6.78
N THR A 442 -7.07 -15.28 -5.98
CA THR A 442 -8.34 -15.99 -6.13
C THR A 442 -9.50 -15.09 -6.57
N VAL A 443 -9.33 -13.78 -6.40
CA VAL A 443 -10.35 -12.82 -6.81
C VAL A 443 -10.44 -12.85 -8.33
N ASN A 444 -11.66 -12.83 -8.88
CA ASN A 444 -11.83 -12.80 -10.34
C ASN A 444 -11.43 -11.40 -10.79
N PRO A 445 -10.32 -11.27 -11.52
CA PRO A 445 -9.85 -9.95 -11.99
C PRO A 445 -10.75 -9.21 -12.95
N TYR A 446 -11.69 -9.90 -13.56
CA TYR A 446 -12.61 -9.29 -14.51
C TYR A 446 -13.80 -8.61 -13.83
N LYS A 447 -13.93 -8.85 -12.53
CA LYS A 447 -15.05 -8.28 -11.78
C LYS A 447 -14.62 -7.58 -10.49
N MET A 448 -13.66 -6.67 -10.58
CA MET A 448 -13.22 -5.95 -9.40
C MET A 448 -14.42 -5.14 -8.89
N PRO A 449 -14.68 -5.20 -7.56
CA PRO A 449 -15.81 -4.48 -6.95
C PRO A 449 -15.91 -2.98 -7.22
N GLY A 450 -17.08 -2.56 -7.69
CA GLY A 450 -17.33 -1.16 -7.98
C GLY A 450 -17.09 -0.77 -9.43
N THR A 451 -16.28 -1.56 -10.14
CA THR A 451 -15.93 -1.27 -11.53
C THR A 451 -17.00 -1.60 -12.57
N THR A 452 -17.05 -0.77 -13.61
CA THR A 452 -17.97 -0.95 -14.73
C THR A 452 -17.09 -1.36 -15.90
N GLU A 453 -17.30 -2.57 -16.42
CA GLU A 453 -16.48 -3.07 -17.54
C GLU A 453 -17.21 -4.00 -18.48
N THR A 454 -16.67 -4.15 -19.69
CA THR A 454 -17.23 -5.08 -20.65
C THR A 454 -16.51 -6.38 -20.29
N ASP A 455 -16.97 -7.51 -20.81
CA ASP A 455 -16.31 -8.77 -20.45
C ASP A 455 -15.27 -9.28 -21.45
N ALA A 456 -14.69 -8.38 -22.21
CA ALA A 456 -13.66 -8.74 -23.19
C ALA A 456 -12.47 -9.37 -22.49
N LYS A 457 -11.80 -10.30 -23.16
CA LYS A 457 -10.64 -10.97 -22.61
C LYS A 457 -9.45 -10.00 -22.51
N ARG A 458 -8.67 -10.10 -21.44
CA ARG A 458 -7.53 -9.23 -21.25
C ARG A 458 -6.24 -10.04 -21.25
N ALA A 459 -5.16 -9.44 -21.75
CA ALA A 459 -3.87 -10.11 -21.81
C ALA A 459 -3.01 -9.81 -20.59
N ASP A 460 -2.34 -10.84 -20.08
CA ASP A 460 -1.48 -10.69 -18.92
C ASP A 460 -0.30 -9.78 -19.24
N SER A 461 0.07 -9.75 -20.52
CA SER A 461 1.21 -8.93 -20.95
C SER A 461 0.89 -7.44 -20.99
N ASP A 462 -0.39 -7.09 -20.87
CA ASP A 462 -0.78 -5.68 -20.90
C ASP A 462 -0.12 -4.88 -19.77
N THR A 463 -0.14 -3.56 -19.90
CA THR A 463 0.40 -2.68 -18.87
C THR A 463 -0.50 -1.45 -18.72
N GLY A 464 -0.28 -0.69 -17.66
CA GLY A 464 -1.09 0.47 -17.38
C GLY A 464 -1.16 1.59 -18.41
N LYS A 465 -2.19 2.43 -18.23
CA LYS A 465 -2.45 3.58 -19.09
C LYS A 465 -2.97 4.71 -18.21
N VAL A 466 -2.93 5.94 -18.70
CA VAL A 466 -3.48 7.04 -17.93
C VAL A 466 -4.89 7.16 -18.48
N LEU A 467 -5.77 7.86 -17.77
CA LEU A 467 -7.13 8.01 -18.25
C LEU A 467 -7.20 9.19 -19.21
N PRO A 468 -8.03 9.10 -20.26
CA PRO A 468 -8.11 10.22 -21.20
C PRO A 468 -8.51 11.53 -20.52
N SER A 469 -9.45 11.46 -19.60
CA SER A 469 -9.95 12.65 -18.90
C SER A 469 -9.26 13.01 -17.59
N ALA A 470 -9.25 14.32 -17.29
CA ALA A 470 -8.65 14.83 -16.06
C ALA A 470 -9.77 15.08 -15.04
N PHE A 471 -11.01 14.81 -15.46
CA PHE A 471 -12.17 15.01 -14.60
C PHE A 471 -12.36 13.83 -13.64
N VAL A 472 -11.47 13.76 -12.66
CA VAL A 472 -11.49 12.73 -11.64
C VAL A 472 -11.04 13.43 -10.36
N GLY A 473 -11.81 13.30 -9.29
CA GLY A 473 -11.43 13.96 -8.06
C GLY A 473 -12.45 13.92 -6.95
N THR A 474 -12.00 14.26 -5.74
CA THR A 474 -12.81 14.26 -4.53
C THR A 474 -12.87 15.63 -3.87
N SER A 475 -14.08 16.04 -3.50
CA SER A 475 -14.28 17.30 -2.80
C SER A 475 -14.76 16.92 -1.40
N LYS A 476 -13.87 17.10 -0.42
CA LYS A 476 -14.14 16.75 0.98
C LYS A 476 -14.73 17.92 1.77
N LEU A 477 -15.87 17.69 2.42
CA LEU A 477 -16.48 18.75 3.22
C LEU A 477 -15.88 18.74 4.63
N ASP A 478 -15.85 17.55 5.24
CA ASP A 478 -15.28 17.37 6.57
C ASP A 478 -14.72 15.97 6.74
N ASP A 479 -14.59 15.50 7.98
CA ASP A 479 -14.02 14.18 8.25
C ASP A 479 -14.94 13.00 7.96
N ALA A 480 -16.21 13.28 7.72
CA ALA A 480 -17.16 12.20 7.47
C ALA A 480 -17.88 12.31 6.14
N ASN A 481 -17.78 13.47 5.50
CA ASN A 481 -18.47 13.69 4.22
C ASN A 481 -17.61 14.20 3.07
N ALA A 482 -17.78 13.59 1.90
CA ALA A 482 -17.05 13.96 0.69
C ALA A 482 -17.75 13.34 -0.50
N THR A 483 -17.48 13.92 -1.67
CA THR A 483 -18.07 13.43 -2.91
C THR A 483 -16.95 13.26 -3.93
N ALA A 484 -17.07 12.25 -4.79
CA ALA A 484 -16.05 12.00 -5.79
C ALA A 484 -16.66 11.63 -7.14
N THR A 485 -15.90 11.82 -8.20
CA THR A 485 -16.36 11.47 -9.53
C THR A 485 -15.21 11.05 -10.44
N MET A 486 -15.52 10.22 -11.43
CA MET A 486 -14.53 9.76 -12.38
C MET A 486 -15.16 9.72 -13.77
N ASP A 487 -14.64 10.55 -14.66
CA ASP A 487 -15.12 10.60 -16.03
C ASP A 487 -14.51 9.37 -16.68
N PHE A 488 -15.11 8.23 -16.39
CA PHE A 488 -14.61 6.94 -16.86
C PHE A 488 -14.77 6.54 -18.30
N THR A 489 -13.68 5.97 -18.84
CA THR A 489 -13.63 5.44 -20.20
C THR A 489 -12.74 4.20 -20.02
N ASN A 490 -13.18 3.05 -20.52
CA ASN A 490 -12.38 1.84 -20.33
C ASN A 490 -11.15 1.76 -21.23
N TRP A 491 -10.28 0.80 -20.90
CA TRP A 491 -9.01 0.59 -21.56
C TRP A 491 -8.95 0.62 -23.09
N ASN A 492 -10.04 0.28 -23.77
CA ASN A 492 -10.03 0.29 -25.22
C ASN A 492 -11.06 1.24 -25.79
N GLN A 493 -11.46 2.21 -24.98
CA GLN A 493 -12.43 3.21 -25.37
C GLN A 493 -13.64 2.62 -26.08
N THR A 494 -14.30 1.67 -25.44
CA THR A 494 -15.52 1.09 -26.02
C THR A 494 -16.65 1.26 -25.01
N LEU A 495 -16.32 1.71 -23.80
CA LEU A 495 -17.32 1.92 -22.75
C LEU A 495 -17.02 3.15 -21.91
N THR A 496 -18.07 3.89 -21.58
CA THR A 496 -17.94 5.09 -20.77
C THR A 496 -18.97 5.06 -19.67
N ALA A 497 -18.76 5.89 -18.66
CA ALA A 497 -19.68 5.97 -17.54
C ALA A 497 -19.27 7.10 -16.63
N HIS A 498 -20.25 7.86 -16.17
CA HIS A 498 -20.00 8.95 -15.24
C HIS A 498 -20.17 8.27 -13.89
N LYS A 499 -19.08 7.82 -13.31
CA LYS A 499 -19.15 7.16 -12.02
C LYS A 499 -18.93 8.19 -10.92
N SER A 500 -19.80 8.14 -9.90
CA SER A 500 -19.68 9.07 -8.79
C SER A 500 -19.93 8.37 -7.45
N TRP A 501 -19.35 8.93 -6.40
CA TRP A 501 -19.49 8.36 -5.07
C TRP A 501 -19.81 9.46 -4.08
N PHE A 502 -20.72 9.15 -3.17
CA PHE A 502 -21.13 10.13 -2.17
C PHE A 502 -20.92 9.53 -0.79
N MET A 503 -19.82 9.92 -0.17
CA MET A 503 -19.48 9.42 1.15
C MET A 503 -20.20 10.27 2.18
N LEU A 504 -21.16 9.66 2.86
CA LEU A 504 -21.95 10.39 3.84
C LEU A 504 -21.92 9.79 5.24
N LYS A 505 -20.79 9.94 5.90
CA LYS A 505 -20.57 9.49 7.27
C LYS A 505 -20.62 7.99 7.51
N ASP A 506 -21.83 7.42 7.52
CA ASP A 506 -22.00 5.99 7.78
C ASP A 506 -22.45 5.16 6.58
N LYS A 507 -22.28 5.71 5.38
CA LYS A 507 -22.69 5.02 4.18
C LYS A 507 -22.09 5.71 2.96
N ILE A 508 -22.07 4.98 1.84
CA ILE A 508 -21.56 5.51 0.57
C ILE A 508 -22.52 5.16 -0.55
N ALA A 509 -22.93 6.14 -1.33
CA ALA A 509 -23.83 5.87 -2.44
C ALA A 509 -23.01 5.83 -3.73
N PHE A 510 -23.32 4.86 -4.58
CA PHE A 510 -22.64 4.71 -5.86
C PHE A 510 -23.63 5.08 -6.95
N LEU A 511 -23.27 6.07 -7.76
CA LEU A 511 -24.14 6.48 -8.86
C LEU A 511 -23.35 6.39 -10.15
N GLY A 512 -24.00 5.86 -11.18
CA GLY A 512 -23.37 5.72 -12.46
C GLY A 512 -24.38 6.10 -13.50
N SER A 513 -23.98 6.93 -14.45
CA SER A 513 -24.89 7.37 -15.49
C SER A 513 -24.17 7.50 -16.80
N ASN A 514 -24.94 7.65 -17.88
CA ASN A 514 -24.36 7.81 -19.20
C ASN A 514 -23.51 6.59 -19.57
N ILE A 515 -23.99 5.40 -19.21
CA ILE A 515 -23.24 4.19 -19.52
C ILE A 515 -23.46 3.81 -20.98
N GLN A 516 -22.36 3.81 -21.75
CA GLN A 516 -22.42 3.48 -23.17
C GLN A 516 -21.40 2.41 -23.54
N ASN A 517 -21.76 1.61 -24.53
CA ASN A 517 -20.93 0.50 -24.99
C ASN A 517 -21.07 0.41 -26.51
N THR A 518 -19.99 0.70 -27.23
CA THR A 518 -20.01 0.65 -28.69
C THR A 518 -19.46 -0.69 -29.17
N SER A 519 -18.98 -1.49 -28.23
CA SER A 519 -18.43 -2.80 -28.57
C SER A 519 -19.50 -3.89 -28.61
N THR A 520 -19.04 -5.13 -28.77
CA THR A 520 -19.92 -6.29 -28.86
C THR A 520 -20.05 -7.00 -27.50
N ASP A 521 -19.00 -6.88 -26.69
CA ASP A 521 -18.98 -7.49 -25.37
C ASP A 521 -20.04 -6.86 -24.48
N THR A 522 -20.56 -7.63 -23.52
CA THR A 522 -21.60 -7.09 -22.64
C THR A 522 -21.00 -6.24 -21.54
N ALA A 523 -21.77 -5.27 -21.10
CA ALA A 523 -21.32 -4.35 -20.06
C ALA A 523 -22.07 -4.60 -18.75
N ALA A 524 -21.37 -4.44 -17.64
CA ALA A 524 -21.95 -4.63 -16.32
C ALA A 524 -21.06 -4.03 -15.27
N THR A 525 -21.66 -3.62 -14.15
CA THR A 525 -20.92 -3.04 -13.05
C THR A 525 -20.93 -4.07 -11.92
N THR A 526 -19.77 -4.31 -11.32
CA THR A 526 -19.72 -5.25 -10.22
C THR A 526 -20.04 -4.46 -8.96
N ILE A 527 -21.19 -4.74 -8.36
CA ILE A 527 -21.58 -4.05 -7.14
C ILE A 527 -20.66 -4.52 -6.03
N ASP A 528 -20.22 -5.77 -6.12
CA ASP A 528 -19.30 -6.32 -5.14
C ASP A 528 -18.87 -7.75 -5.45
N GLN A 529 -17.71 -8.11 -4.91
CA GLN A 529 -17.14 -9.45 -5.00
C GLN A 529 -16.47 -9.56 -3.64
N ARG A 530 -17.21 -10.08 -2.67
CA ARG A 530 -16.73 -10.21 -1.29
C ARG A 530 -16.20 -11.60 -0.99
N LYS A 531 -15.02 -11.65 -0.36
CA LYS A 531 -14.39 -12.91 0.01
C LYS A 531 -15.03 -13.36 1.33
N LEU A 532 -15.48 -14.60 1.38
CA LEU A 532 -16.13 -15.14 2.57
C LEU A 532 -15.22 -15.90 3.52
N GLU A 533 -15.68 -16.07 4.76
CA GLU A 533 -14.95 -16.81 5.78
C GLU A 533 -15.80 -18.05 6.03
N SER A 534 -15.23 -19.23 5.81
CA SER A 534 -15.99 -20.46 6.03
C SER A 534 -16.48 -20.47 7.48
N SER A 535 -15.80 -19.72 8.34
CA SER A 535 -16.17 -19.66 9.75
C SER A 535 -17.35 -18.73 10.02
N ASN A 536 -17.51 -17.68 9.21
CA ASN A 536 -18.60 -16.73 9.40
C ASN A 536 -19.47 -16.62 8.16
N PRO A 537 -20.35 -17.62 7.95
CA PRO A 537 -21.24 -17.60 6.79
C PRO A 537 -22.25 -16.46 6.82
N TYR A 538 -22.58 -15.98 5.63
CA TYR A 538 -23.53 -14.89 5.49
C TYR A 538 -24.92 -15.45 5.21
N LYS A 539 -25.93 -14.71 5.64
CA LYS A 539 -27.30 -15.07 5.39
C LYS A 539 -27.71 -14.00 4.39
N VAL A 540 -27.87 -14.38 3.13
CA VAL A 540 -28.23 -13.41 2.09
C VAL A 540 -29.71 -13.14 1.96
N TYR A 541 -30.06 -11.87 1.89
CA TYR A 541 -31.45 -11.46 1.75
C TYR A 541 -31.60 -10.51 0.56
N VAL A 542 -32.60 -10.77 -0.28
CA VAL A 542 -32.89 -9.90 -1.41
C VAL A 542 -34.29 -9.38 -1.13
N ASN A 543 -34.44 -8.07 -1.04
CA ASN A 543 -35.73 -7.50 -0.73
C ASN A 543 -36.20 -8.07 0.60
N ASP A 544 -35.26 -8.23 1.53
CA ASP A 544 -35.50 -8.75 2.87
C ASP A 544 -36.08 -10.16 2.95
N LYS A 545 -35.74 -11.01 1.99
CA LYS A 545 -36.20 -12.39 1.97
C LYS A 545 -34.99 -13.27 1.72
N GLU A 546 -34.70 -14.17 2.65
CA GLU A 546 -33.54 -15.04 2.50
C GLU A 546 -33.45 -15.63 1.10
N ALA A 547 -32.30 -15.45 0.47
CA ALA A 547 -32.06 -15.97 -0.86
C ALA A 547 -30.96 -17.02 -0.79
N SER A 548 -31.08 -18.04 -1.63
CA SER A 548 -30.06 -19.09 -1.62
C SER A 548 -29.21 -18.98 -2.86
N LEU A 549 -27.98 -18.55 -2.67
CA LEU A 549 -27.06 -18.38 -3.78
C LEU A 549 -26.35 -19.68 -4.14
N THR A 550 -25.98 -19.78 -5.41
CA THR A 550 -25.30 -20.94 -5.94
C THR A 550 -24.17 -20.44 -6.84
N GLU A 551 -23.30 -21.34 -7.26
CA GLU A 551 -22.20 -20.96 -8.13
C GLU A 551 -22.76 -20.40 -9.42
N GLN A 552 -23.96 -20.87 -9.77
CA GLN A 552 -24.63 -20.40 -10.99
C GLN A 552 -25.28 -19.07 -10.69
N GLU A 553 -25.01 -18.08 -11.53
CA GLU A 553 -25.58 -16.75 -11.34
C GLU A 553 -27.09 -16.81 -11.38
N LYS A 554 -27.73 -16.30 -10.34
CA LYS A 554 -29.18 -16.25 -10.28
C LYS A 554 -29.56 -14.80 -10.50
N ASP A 555 -30.62 -14.56 -11.26
CA ASP A 555 -31.04 -13.20 -11.52
C ASP A 555 -32.10 -12.73 -10.53
N TYR A 556 -31.99 -11.48 -10.10
CA TYR A 556 -32.93 -10.92 -9.14
C TYR A 556 -33.42 -9.59 -9.66
N PRO A 557 -34.48 -9.61 -10.48
CA PRO A 557 -35.03 -8.36 -11.02
C PRO A 557 -35.91 -7.69 -9.98
N GLU A 558 -36.18 -6.41 -10.15
CA GLU A 558 -37.02 -5.68 -9.20
C GLU A 558 -36.41 -5.65 -7.81
N THR A 559 -35.08 -5.70 -7.72
CA THR A 559 -34.40 -5.67 -6.42
C THR A 559 -34.32 -4.25 -5.87
N GLN A 560 -34.78 -4.09 -4.63
CA GLN A 560 -34.72 -2.79 -3.97
C GLN A 560 -33.58 -2.84 -2.97
N SER A 561 -33.21 -4.05 -2.55
CA SER A 561 -32.15 -4.20 -1.58
C SER A 561 -31.60 -5.61 -1.47
N VAL A 562 -30.36 -5.70 -1.01
CA VAL A 562 -29.69 -6.95 -0.78
C VAL A 562 -28.97 -6.77 0.56
N PHE A 563 -29.06 -7.76 1.42
CA PHE A 563 -28.43 -7.67 2.74
C PHE A 563 -27.65 -8.92 3.09
N LEU A 564 -26.37 -8.73 3.43
CA LEU A 564 -25.52 -9.85 3.80
C LEU A 564 -25.48 -9.81 5.32
N GLU A 565 -26.07 -10.82 5.95
CA GLU A 565 -26.15 -10.89 7.40
C GLU A 565 -25.17 -11.87 8.03
N SER A 566 -24.38 -11.36 8.97
CA SER A 566 -23.39 -12.16 9.67
C SER A 566 -23.80 -12.17 11.14
N SER A 567 -23.16 -13.00 11.95
CA SER A 567 -23.48 -13.07 13.38
C SER A 567 -22.83 -11.88 14.07
N ASP A 568 -21.96 -11.20 13.34
CA ASP A 568 -21.24 -10.03 13.83
C ASP A 568 -21.72 -8.82 13.03
N SER A 569 -22.44 -7.92 13.69
CA SER A 569 -22.94 -6.72 13.03
C SER A 569 -21.84 -5.98 12.25
N LYS A 570 -20.62 -6.02 12.77
CA LYS A 570 -19.48 -5.34 12.15
C LYS A 570 -19.04 -5.95 10.83
N LYS A 571 -19.77 -6.95 10.36
CA LYS A 571 -19.44 -7.58 9.09
C LYS A 571 -20.63 -7.51 8.12
N ASN A 572 -21.73 -6.95 8.59
CA ASN A 572 -22.92 -6.83 7.74
C ASN A 572 -22.72 -5.82 6.62
N ILE A 573 -23.25 -6.13 5.44
CA ILE A 573 -23.18 -5.24 4.29
C ILE A 573 -24.55 -5.18 3.63
N GLY A 574 -25.12 -3.99 3.55
CA GLY A 574 -26.42 -3.83 2.92
C GLY A 574 -26.33 -2.90 1.74
N TYR A 575 -27.07 -3.23 0.68
CA TYR A 575 -27.11 -2.40 -0.52
C TYR A 575 -28.56 -2.05 -0.79
N PHE A 576 -28.84 -0.76 -0.83
CA PHE A 576 -30.18 -0.28 -1.08
C PHE A 576 -30.16 0.39 -2.45
N PHE A 577 -30.99 -0.13 -3.37
CA PHE A 577 -31.07 0.41 -4.73
C PHE A 577 -32.16 1.49 -4.79
N PHE A 578 -31.73 2.74 -5.01
CA PHE A 578 -32.64 3.87 -5.07
C PHE A 578 -33.85 3.56 -5.93
N LYS A 579 -33.61 2.89 -7.04
CA LYS A 579 -34.68 2.48 -7.94
C LYS A 579 -34.52 0.98 -8.12
N LYS A 580 -35.62 0.24 -8.02
CA LYS A 580 -35.54 -1.21 -8.18
C LYS A 580 -34.65 -1.53 -9.37
N SER A 581 -33.69 -2.44 -9.18
CA SER A 581 -32.77 -2.78 -10.25
C SER A 581 -32.66 -4.27 -10.54
N SER A 582 -32.14 -4.57 -11.72
CA SER A 582 -31.97 -5.93 -12.17
C SER A 582 -30.52 -6.36 -11.95
N ILE A 583 -30.32 -7.17 -10.92
CA ILE A 583 -29.00 -7.65 -10.56
C ILE A 583 -28.92 -9.18 -10.59
N SER A 584 -27.71 -9.69 -10.51
CA SER A 584 -27.49 -11.13 -10.51
C SER A 584 -26.45 -11.42 -9.44
N MET A 585 -26.64 -12.54 -8.72
CA MET A 585 -25.71 -12.90 -7.66
C MET A 585 -25.27 -14.34 -7.75
N SER A 586 -24.13 -14.63 -7.12
CA SER A 586 -23.59 -15.97 -7.08
C SER A 586 -22.58 -16.05 -5.96
N LYS A 587 -22.40 -17.27 -5.46
CA LYS A 587 -21.46 -17.56 -4.38
C LYS A 587 -20.70 -18.76 -4.90
N ALA A 588 -19.44 -18.58 -5.27
CA ALA A 588 -18.67 -19.68 -5.81
C ALA A 588 -17.22 -19.76 -5.34
N LEU A 589 -16.70 -20.98 -5.32
CA LEU A 589 -15.32 -21.21 -4.92
C LEU A 589 -14.40 -20.85 -6.08
N GLN A 590 -13.50 -19.90 -5.85
CA GLN A 590 -12.59 -19.49 -6.90
C GLN A 590 -11.17 -19.92 -6.57
N LYS A 591 -10.55 -20.64 -7.51
CA LYS A 591 -9.19 -21.14 -7.32
C LYS A 591 -8.16 -20.42 -8.19
N GLY A 592 -6.92 -20.39 -7.71
CA GLY A 592 -5.85 -19.74 -8.44
C GLY A 592 -4.54 -19.85 -7.69
N ALA A 593 -3.46 -19.31 -8.24
CA ALA A 593 -2.16 -19.36 -7.59
C ALA A 593 -1.53 -17.99 -7.70
N TRP A 594 -0.63 -17.68 -6.78
CA TRP A 594 0.02 -16.38 -6.80
C TRP A 594 0.86 -16.24 -8.07
N LYS A 595 1.35 -17.36 -8.60
CA LYS A 595 2.16 -17.34 -9.81
C LYS A 595 1.40 -16.77 -11.00
N ASP A 596 0.08 -16.95 -11.00
CA ASP A 596 -0.76 -16.45 -12.08
C ASP A 596 -0.66 -14.93 -12.20
N ILE A 597 -0.58 -14.25 -11.06
CA ILE A 597 -0.51 -12.79 -11.06
C ILE A 597 0.89 -12.28 -10.81
N ASN A 598 1.79 -13.18 -10.44
CA ASN A 598 3.17 -12.82 -10.18
C ASN A 598 4.07 -14.03 -10.49
N GLU A 599 4.73 -13.94 -11.64
CA GLU A 599 5.62 -15.00 -12.13
C GLU A 599 6.56 -15.59 -11.08
N GLY A 600 7.15 -14.72 -10.26
CA GLY A 600 8.08 -15.19 -9.23
C GLY A 600 7.45 -15.73 -7.96
N GLN A 601 6.14 -15.92 -7.95
CA GLN A 601 5.47 -16.43 -6.76
C GLN A 601 5.21 -17.93 -6.90
N SER A 602 4.74 -18.55 -5.83
CA SER A 602 4.45 -19.98 -5.83
C SER A 602 3.27 -20.31 -6.74
N ASP A 603 3.36 -21.46 -7.40
CA ASP A 603 2.30 -21.90 -8.29
C ASP A 603 1.33 -22.76 -7.49
N LYS A 604 1.52 -22.81 -6.18
CA LYS A 604 0.67 -23.59 -5.29
C LYS A 604 -0.78 -23.11 -5.41
N GLU A 605 -1.71 -24.04 -5.58
CA GLU A 605 -3.11 -23.67 -5.71
C GLU A 605 -3.67 -23.13 -4.41
N VAL A 606 -4.45 -22.07 -4.54
CA VAL A 606 -5.08 -21.42 -3.40
C VAL A 606 -6.55 -21.27 -3.80
N GLU A 607 -7.44 -21.20 -2.81
CA GLU A 607 -8.85 -21.04 -3.12
C GLU A 607 -9.61 -20.31 -2.04
N ASN A 608 -10.65 -19.59 -2.45
CA ASN A 608 -11.47 -18.81 -1.53
C ASN A 608 -12.88 -18.74 -2.08
N GLU A 609 -13.85 -18.57 -1.19
CA GLU A 609 -15.24 -18.46 -1.59
C GLU A 609 -15.61 -16.98 -1.70
N PHE A 610 -16.26 -16.61 -2.80
CA PHE A 610 -16.66 -15.22 -3.06
C PHE A 610 -18.15 -15.09 -3.39
N LEU A 611 -18.74 -13.97 -2.98
CA LEU A 611 -20.13 -13.69 -3.28
C LEU A 611 -20.04 -12.53 -4.29
N THR A 612 -20.53 -12.75 -5.50
CA THR A 612 -20.47 -11.71 -6.52
C THR A 612 -21.84 -11.15 -6.81
N ILE A 613 -21.91 -9.82 -6.84
CA ILE A 613 -23.16 -9.11 -7.12
C ILE A 613 -22.88 -8.16 -8.27
N SER A 614 -23.66 -8.25 -9.33
CA SER A 614 -23.44 -7.34 -10.44
C SER A 614 -24.74 -6.93 -11.12
N GLN A 615 -24.63 -5.88 -11.93
CA GLN A 615 -25.77 -5.34 -12.67
C GLN A 615 -25.38 -5.08 -14.12
N ALA A 616 -26.00 -5.81 -15.04
CA ALA A 616 -25.70 -5.65 -16.46
C ALA A 616 -26.28 -4.36 -17.02
N HIS A 617 -25.62 -3.85 -18.05
CA HIS A 617 -26.02 -2.64 -18.73
C HIS A 617 -26.19 -2.98 -20.21
N LYS A 618 -27.43 -3.25 -20.60
CA LYS A 618 -27.74 -3.64 -21.95
C LYS A 618 -28.01 -2.52 -22.96
N GLN A 619 -28.17 -1.29 -22.48
CA GLN A 619 -28.41 -0.19 -23.41
C GLN A 619 -27.56 1.03 -23.14
N ASN A 620 -27.52 1.91 -24.13
CA ASN A 620 -26.76 3.13 -24.00
C ASN A 620 -27.60 4.06 -23.16
N GLY A 621 -26.94 4.84 -22.31
CA GLY A 621 -27.66 5.75 -21.45
C GLY A 621 -28.07 5.04 -20.17
N ASP A 622 -27.53 3.84 -19.98
CA ASP A 622 -27.84 3.04 -18.80
C ASP A 622 -27.25 3.73 -17.56
N SER A 623 -27.67 3.27 -16.40
CA SER A 623 -27.17 3.85 -15.16
C SER A 623 -27.34 2.86 -14.01
N TYR A 624 -26.78 3.21 -12.87
CA TYR A 624 -26.89 2.39 -11.67
C TYR A 624 -26.93 3.33 -10.48
N GLY A 625 -27.55 2.88 -9.39
CA GLY A 625 -27.62 3.72 -8.23
C GLY A 625 -27.97 2.93 -6.99
N TYR A 626 -27.05 2.93 -6.03
CA TYR A 626 -27.30 2.21 -4.80
C TYR A 626 -26.48 2.76 -3.64
N MET A 627 -26.98 2.51 -2.43
CA MET A 627 -26.31 2.96 -1.23
C MET A 627 -25.70 1.77 -0.50
N LEU A 628 -24.42 1.89 -0.16
CA LEU A 628 -23.74 0.82 0.57
C LEU A 628 -23.80 1.18 2.05
N ILE A 629 -24.46 0.33 2.83
CA ILE A 629 -24.59 0.57 4.26
C ILE A 629 -24.04 -0.60 5.06
N PRO A 630 -22.82 -0.45 5.61
CA PRO A 630 -22.20 -1.51 6.40
C PRO A 630 -22.42 -1.38 7.91
N ASN A 631 -22.05 -2.44 8.63
CA ASN A 631 -22.11 -2.50 10.09
C ASN A 631 -23.41 -2.19 10.85
N VAL A 632 -24.56 -2.51 10.28
CA VAL A 632 -25.82 -2.30 10.98
C VAL A 632 -26.57 -3.62 10.88
N ASP A 633 -27.42 -3.91 11.85
CA ASP A 633 -28.15 -5.17 11.77
C ASP A 633 -29.32 -5.07 10.79
N ARG A 634 -29.96 -6.20 10.53
CA ARG A 634 -31.06 -6.25 9.60
C ARG A 634 -32.19 -5.23 9.80
N ALA A 635 -32.74 -5.19 11.01
CA ALA A 635 -33.83 -4.27 11.32
C ALA A 635 -33.42 -2.81 11.14
N THR A 636 -32.18 -2.51 11.49
CA THR A 636 -31.68 -1.16 11.35
C THR A 636 -31.49 -0.85 9.87
N PHE A 637 -31.05 -1.83 9.10
CA PHE A 637 -30.86 -1.62 7.67
C PHE A 637 -32.21 -1.37 6.98
N ASN A 638 -33.22 -2.18 7.32
CA ASN A 638 -34.54 -2.05 6.72
C ASN A 638 -35.16 -0.70 7.04
N GLN A 639 -34.96 -0.26 8.27
CA GLN A 639 -35.49 1.01 8.73
C GLN A 639 -34.76 2.18 8.07
N MET A 640 -33.46 2.01 7.82
CA MET A 640 -32.64 3.05 7.19
C MET A 640 -32.99 3.24 5.72
N ILE A 641 -33.17 2.13 4.99
CA ILE A 641 -33.49 2.22 3.56
C ILE A 641 -34.84 2.87 3.35
N LYS A 642 -35.68 2.83 4.37
CA LYS A 642 -37.00 3.42 4.28
C LYS A 642 -36.84 4.94 4.40
N GLU A 643 -35.89 5.36 5.22
CA GLU A 643 -35.63 6.78 5.40
C GLU A 643 -34.92 7.37 4.19
N LEU A 644 -34.08 6.56 3.55
CA LEU A 644 -33.32 6.99 2.38
C LEU A 644 -34.12 6.82 1.10
N GLU A 645 -35.41 6.53 1.24
CA GLU A 645 -36.26 6.32 0.08
C GLU A 645 -36.29 7.52 -0.84
N SER A 646 -35.76 8.64 -0.39
CA SER A 646 -35.76 9.85 -1.20
C SER A 646 -34.41 10.57 -1.21
N SER A 647 -33.35 9.85 -0.93
CA SER A 647 -32.02 10.46 -0.92
C SER A 647 -31.51 10.82 -2.32
N LEU A 648 -31.86 10.04 -3.35
CA LEU A 648 -31.40 10.34 -4.70
C LEU A 648 -32.02 11.61 -5.23
N ILE A 649 -31.20 12.63 -5.43
CA ILE A 649 -31.70 13.91 -5.96
C ILE A 649 -31.68 13.89 -7.47
N GLU A 650 -30.70 13.20 -8.05
CA GLU A 650 -30.58 13.12 -9.50
C GLU A 650 -29.43 12.20 -9.92
N ASN A 651 -29.55 11.62 -11.10
CA ASN A 651 -28.52 10.72 -11.60
C ASN A 651 -28.60 10.60 -13.11
N ASN A 652 -28.18 11.64 -13.82
CA ASN A 652 -28.20 11.60 -15.27
C ASN A 652 -26.83 11.95 -15.84
N GLU A 653 -26.77 12.23 -17.13
CA GLU A 653 -25.52 12.56 -17.81
C GLU A 653 -24.86 13.89 -17.46
N THR A 654 -25.58 14.82 -16.84
CA THR A 654 -24.99 16.10 -16.48
C THR A 654 -24.96 16.38 -14.99
N LEU A 655 -25.91 15.79 -14.26
CA LEU A 655 -26.02 15.99 -12.82
C LEU A 655 -26.26 14.71 -12.03
N GLN A 656 -25.53 14.57 -10.93
CA GLN A 656 -25.67 13.40 -10.05
C GLN A 656 -25.58 13.91 -8.63
N SER A 657 -26.53 13.53 -7.79
CA SER A 657 -26.52 13.99 -6.42
C SER A 657 -27.46 13.22 -5.51
N VAL A 658 -26.99 12.91 -4.31
CA VAL A 658 -27.84 12.24 -3.34
C VAL A 658 -27.80 13.12 -2.09
N TYR A 659 -28.90 13.11 -1.34
CA TYR A 659 -29.03 13.97 -0.17
C TYR A 659 -29.29 13.20 1.13
N ASP A 660 -28.54 13.56 2.17
CA ASP A 660 -28.66 12.95 3.50
C ASP A 660 -29.49 13.88 4.39
N ALA A 661 -30.79 13.61 4.47
CA ALA A 661 -31.70 14.42 5.26
C ALA A 661 -31.32 14.50 6.73
N LYS A 662 -30.81 13.40 7.27
CA LYS A 662 -30.42 13.37 8.67
C LYS A 662 -29.30 14.36 8.98
N GLN A 663 -28.35 14.48 8.06
CA GLN A 663 -27.21 15.36 8.26
C GLN A 663 -27.42 16.75 7.67
N GLY A 664 -28.29 16.84 6.67
CA GLY A 664 -28.50 18.11 6.01
C GLY A 664 -27.31 18.34 5.11
N VAL A 665 -26.84 17.24 4.51
CA VAL A 665 -25.68 17.27 3.62
C VAL A 665 -26.03 16.80 2.20
N TRP A 666 -25.52 17.52 1.21
CA TRP A 666 -25.75 17.17 -0.20
C TRP A 666 -24.43 16.81 -0.84
N GLY A 667 -24.47 15.82 -1.74
CA GLY A 667 -23.29 15.42 -2.47
C GLY A 667 -23.68 15.72 -3.90
N ILE A 668 -22.90 16.53 -4.60
CA ILE A 668 -23.26 16.89 -5.98
C ILE A 668 -22.11 16.84 -6.95
N VAL A 669 -22.40 16.35 -8.15
CA VAL A 669 -21.40 16.30 -9.20
C VAL A 669 -22.07 16.86 -10.46
N LYS A 670 -21.50 17.93 -10.99
CA LYS A 670 -22.01 18.59 -12.18
C LYS A 670 -21.02 18.38 -13.30
N TYR A 671 -21.48 17.82 -14.42
CA TYR A 671 -20.58 17.60 -15.53
C TYR A 671 -20.58 18.80 -16.47
N ASP A 672 -21.50 19.74 -16.28
CA ASP A 672 -21.52 20.94 -17.12
C ASP A 672 -21.78 22.18 -16.30
N ASP A 673 -21.66 23.34 -16.93
CA ASP A 673 -21.85 24.60 -16.23
C ASP A 673 -23.26 25.14 -16.22
N SER A 674 -24.25 24.27 -16.40
CA SER A 674 -25.64 24.70 -16.38
C SER A 674 -25.99 25.05 -14.94
N VAL A 675 -27.09 25.78 -14.75
CA VAL A 675 -27.52 26.12 -13.39
C VAL A 675 -28.40 25.00 -12.85
N SER A 676 -27.92 24.34 -11.79
CA SER A 676 -28.67 23.25 -11.20
C SER A 676 -29.28 23.70 -9.88
N THR A 677 -30.59 23.54 -9.78
CA THR A 677 -31.31 23.90 -8.57
C THR A 677 -31.45 22.63 -7.76
N ILE A 678 -30.84 22.62 -6.58
CA ILE A 678 -30.89 21.46 -5.72
C ILE A 678 -31.91 21.56 -4.62
N SER A 679 -32.69 20.49 -4.44
CA SER A 679 -33.72 20.39 -3.42
C SER A 679 -34.53 21.67 -3.21
N ASN A 680 -34.62 22.48 -4.27
CA ASN A 680 -35.37 23.72 -4.18
C ASN A 680 -34.89 24.62 -3.04
N GLN A 681 -33.57 24.66 -2.81
CA GLN A 681 -33.01 25.48 -1.74
C GLN A 681 -31.83 26.32 -2.20
N PHE A 682 -31.05 25.79 -3.12
CA PHE A 682 -29.90 26.51 -3.62
C PHE A 682 -29.57 26.13 -5.05
N GLN A 683 -28.54 26.77 -5.58
CA GLN A 683 -28.11 26.51 -6.94
C GLN A 683 -26.61 26.31 -6.99
N VAL A 684 -26.19 25.27 -7.72
CA VAL A 684 -24.78 25.00 -7.92
C VAL A 684 -24.62 25.39 -9.37
N LEU A 685 -23.54 26.10 -9.71
CA LEU A 685 -23.36 26.61 -11.06
C LEU A 685 -22.15 26.22 -11.89
N LYS A 686 -21.15 25.60 -11.27
CA LYS A 686 -19.94 25.23 -11.99
C LYS A 686 -19.78 23.73 -12.13
N ARG A 687 -19.16 23.32 -13.23
CA ARG A 687 -18.88 21.91 -13.46
C ARG A 687 -17.89 21.54 -12.33
N GLY A 688 -18.06 20.36 -11.76
CA GLY A 688 -17.17 19.95 -10.68
C GLY A 688 -17.86 19.14 -9.60
N VAL A 689 -17.16 18.96 -8.48
CA VAL A 689 -17.67 18.19 -7.36
C VAL A 689 -17.97 19.05 -6.14
N TYR A 690 -19.15 18.84 -5.55
CA TYR A 690 -19.59 19.59 -4.38
C TYR A 690 -20.02 18.72 -3.20
N THR A 691 -19.79 19.21 -1.99
CA THR A 691 -20.25 18.56 -0.77
C THR A 691 -20.69 19.75 0.06
N ILE A 692 -22.00 19.86 0.27
CA ILE A 692 -22.58 20.97 1.01
C ILE A 692 -23.38 20.54 2.22
N ARG A 693 -23.27 21.31 3.30
CA ARG A 693 -24.00 21.04 4.51
C ARG A 693 -24.81 22.27 4.88
N LYS A 694 -26.09 22.09 5.16
CA LYS A 694 -26.90 23.22 5.54
C LYS A 694 -26.93 23.29 7.05
N GLU A 695 -26.50 24.44 7.57
CA GLU A 695 -26.49 24.69 9.00
C GLU A 695 -27.54 25.76 9.21
N GLY A 696 -28.77 25.33 9.47
CA GLY A 696 -29.85 26.27 9.68
C GLY A 696 -30.00 27.17 8.47
N ASP A 697 -29.63 28.43 8.63
CA ASP A 697 -29.74 29.40 7.55
C ASP A 697 -28.45 29.50 6.75
N GLU A 698 -27.41 28.81 7.21
CA GLU A 698 -26.14 28.86 6.53
C GLU A 698 -25.81 27.62 5.73
N TYR A 699 -24.84 27.76 4.83
CA TYR A 699 -24.40 26.67 3.97
C TYR A 699 -22.89 26.57 3.91
N LYS A 700 -22.36 25.46 4.40
CA LYS A 700 -20.92 25.22 4.35
C LYS A 700 -20.72 24.62 2.97
N ILE A 701 -19.78 25.16 2.21
CA ILE A 701 -19.55 24.66 0.87
C ILE A 701 -18.15 24.09 0.68
N ALA A 702 -18.08 22.94 0.01
CA ALA A 702 -16.82 22.30 -0.30
C ALA A 702 -16.87 22.00 -1.80
N TYR A 703 -16.23 22.85 -2.60
CA TYR A 703 -16.23 22.67 -4.05
C TYR A 703 -14.84 22.37 -4.59
N TYR A 704 -14.78 21.45 -5.54
CA TYR A 704 -13.51 21.08 -6.14
C TYR A 704 -13.63 20.90 -7.65
N ASN A 705 -12.70 21.48 -8.39
CA ASN A 705 -12.66 21.37 -9.83
C ASN A 705 -11.53 20.38 -10.11
N PRO A 706 -11.87 19.11 -10.40
CA PRO A 706 -10.88 18.06 -10.67
C PRO A 706 -9.91 18.36 -11.80
N GLU A 707 -10.39 19.07 -12.82
CA GLU A 707 -9.56 19.39 -13.98
C GLU A 707 -8.44 20.37 -13.71
N THR A 708 -8.76 21.48 -13.05
CA THR A 708 -7.76 22.50 -12.75
C THR A 708 -7.16 22.25 -11.38
N GLN A 709 -7.73 21.27 -10.67
CA GLN A 709 -7.26 20.93 -9.33
C GLN A 709 -7.32 22.16 -8.44
N GLU A 710 -8.47 22.83 -8.46
CA GLU A 710 -8.67 24.03 -7.66
C GLU A 710 -10.07 24.14 -7.14
N SER A 711 -10.21 24.89 -6.05
CA SER A 711 -11.53 25.14 -5.50
C SER A 711 -11.94 26.42 -6.20
N ALA A 712 -12.83 27.19 -5.57
CA ALA A 712 -13.26 28.45 -6.17
C ALA A 712 -14.07 29.22 -5.18
N PRO A 713 -14.10 30.56 -5.33
CA PRO A 713 -14.87 31.41 -4.44
C PRO A 713 -16.33 30.97 -4.43
N ASP A 714 -16.94 30.93 -3.25
CA ASP A 714 -18.33 30.51 -3.10
C ASP A 714 -19.32 31.06 -4.14
N GLN A 715 -19.31 32.37 -4.34
CA GLN A 715 -20.25 33.01 -5.27
C GLN A 715 -20.07 32.58 -6.73
N GLU A 716 -18.99 31.88 -7.02
CA GLU A 716 -18.73 31.42 -8.37
C GLU A 716 -19.46 30.10 -8.65
N VAL A 717 -19.71 29.32 -7.62
CA VAL A 717 -20.32 28.02 -7.81
C VAL A 717 -21.59 27.71 -7.03
N PHE A 718 -21.95 28.60 -6.11
CA PHE A 718 -23.13 28.38 -5.27
C PHE A 718 -23.98 29.63 -5.19
N LYS A 719 -25.30 29.47 -5.28
CA LYS A 719 -26.23 30.59 -5.21
C LYS A 719 -27.49 30.28 -4.40
N LYS A 720 -27.97 31.29 -3.68
CA LYS A 720 -29.17 31.22 -2.84
C LYS A 720 -28.85 30.80 -1.42
#